data_8Q3T
#
_entry.id   8Q3T
#
_cell.length_a   79.610
_cell.length_b   178.580
_cell.length_c   58.130
_cell.angle_alpha   90.000
_cell.angle_beta   90.000
_cell.angle_gamma   90.000
#
_symmetry.space_group_name_H-M   'P 21 21 2'
#
loop_
_entity.id
_entity.type
_entity.pdbx_description
1 polymer 'Glycylpeptide N-tetradecanoyltransferase 1'
2 polymer MYR-GLY-ASN-CYS-PHE-SER-LYS-PRO-ARG-VAL-PRO
3 non-polymer 'COENZYME A'
4 non-polymer GLYCEROL
5 non-polymer 'CHLORIDE ION'
6 non-polymer 'MYRISTIC ACID'
7 water water
#
loop_
_entity_poly.entity_id
_entity_poly.type
_entity_poly.pdbx_seq_one_letter_code
_entity_poly.pdbx_strand_id
1 'polypeptide(L)'
;GSEFSVGQGPAKTMEEASKRSYQFWDTQPVPKLGEVVNTHGPVEPDKDNIRQEPYTLPQGFTWDALDLGDRGVLKELYTL
LNENYVEDDDNMFRFDYSPEFLLWALRPPGWLPQWHCGVRVVSSRKLVGFISAIPANIHIYDTEKKMVEINFLCVHKKLR
SKRVAPVLIREITRRVHLEGIFQAVYTAGVVLPKPVGTCRYWHRSLNPRKLIEVKFSHLSRNMTMQRTMKLYRLPETPKT
AGLRPMETKDIPVVHQLLTRYLKQFHLTPVMSQEEVEHWFYPQENIIDTFVVENANGEVTDFLSFYTLPSTIMNHPTHKS
LKAAYSFYNVHTQTPLLDLMSDALVLAKMKGFDVFNALDLMENKTFLEKLKFGIGDGNLQYYLYNWKCPSMGAEKVGLVL
Q
;
A,B
2 'polypeptide(L)' GNCFSKPRVP C,D
#
# COMPACT_ATOMS: atom_id res chain seq x y z
N GLY A 9 16.06 33.04 -7.38
CA GLY A 9 14.97 32.30 -6.79
C GLY A 9 15.13 31.95 -5.32
N PRO A 10 15.91 30.89 -5.03
CA PRO A 10 15.85 30.24 -3.70
C PRO A 10 16.06 31.16 -2.51
N ALA A 11 15.09 31.15 -1.60
CA ALA A 11 15.18 31.84 -0.32
C ALA A 11 15.58 30.85 0.76
N LYS A 12 16.55 31.23 1.59
CA LYS A 12 17.03 30.34 2.63
C LYS A 12 16.56 30.72 4.04
N THR A 13 15.98 31.90 4.22
CA THR A 13 15.49 32.34 5.51
C THR A 13 14.05 32.81 5.37
N MET A 14 13.28 32.72 6.46
CA MET A 14 11.88 33.11 6.38
C MET A 14 11.71 34.62 6.22
N GLU A 15 12.70 35.40 6.69
CA GLU A 15 12.69 36.84 6.43
C GLU A 15 12.71 37.12 4.92
N GLU A 16 13.68 36.54 4.21
CA GLU A 16 13.79 36.78 2.78
C GLU A 16 12.68 36.06 1.99
N ALA A 17 12.12 34.98 2.56
CA ALA A 17 11.00 34.32 1.91
C ALA A 17 9.73 35.15 1.96
N SER A 18 9.56 35.97 3.01
CA SER A 18 8.40 36.85 3.08
C SER A 18 8.45 37.91 2.00
N LYS A 19 9.64 38.29 1.54
CA LYS A 19 9.81 39.34 0.54
C LYS A 19 9.79 38.81 -0.89
N ARG A 20 8.94 37.83 -1.19
CA ARG A 20 8.86 37.31 -2.56
C ARG A 20 7.55 36.57 -2.77
N SER A 21 7.24 36.33 -4.05
CA SER A 21 6.05 35.64 -4.49
C SER A 21 6.42 34.30 -5.13
N TYR A 22 5.48 33.36 -5.09
CA TYR A 22 5.74 31.99 -5.51
C TYR A 22 4.80 31.65 -6.66
N GLN A 23 5.27 31.94 -7.88
CA GLN A 23 4.46 31.71 -9.08
C GLN A 23 3.92 30.28 -9.14
N PHE A 24 4.74 29.29 -8.77
CA PHE A 24 4.26 27.91 -8.75
C PHE A 24 3.57 27.56 -7.43
N TRP A 25 4.22 27.80 -6.30
CA TRP A 25 3.66 27.29 -5.05
C TRP A 25 2.36 27.97 -4.67
N ASP A 26 2.11 29.19 -5.14
CA ASP A 26 0.80 29.82 -4.90
C ASP A 26 -0.35 29.07 -5.54
N THR A 27 -0.07 28.25 -6.55
CA THR A 27 -1.11 27.49 -7.24
C THR A 27 -1.40 26.14 -6.57
N GLN A 28 -0.65 25.79 -5.52
CA GLN A 28 -0.66 24.44 -4.95
C GLN A 28 -1.44 24.40 -3.64
N PRO A 29 -1.93 23.22 -3.25
CA PRO A 29 -2.74 23.14 -2.00
C PRO A 29 -1.85 23.10 -0.77
N VAL A 30 -1.20 24.22 -0.51
CA VAL A 30 -0.38 24.41 0.69
C VAL A 30 -0.78 25.74 1.32
N PRO A 31 -0.55 25.92 2.61
CA PRO A 31 -0.86 27.23 3.22
C PRO A 31 0.07 28.31 2.69
N LYS A 32 -0.39 29.55 2.81
CA LYS A 32 0.47 30.69 2.47
C LYS A 32 1.52 30.92 3.55
N LEU A 33 2.69 31.40 3.14
CA LEU A 33 3.68 31.86 4.11
C LEU A 33 3.05 32.90 5.01
N GLY A 34 3.38 32.84 6.29
CA GLY A 34 2.81 33.79 7.22
C GLY A 34 1.35 33.58 7.57
N GLU A 35 0.66 32.65 6.90
CA GLU A 35 -0.66 32.23 7.36
C GLU A 35 -0.51 31.41 8.63
N VAL A 36 -1.20 31.81 9.70
CA VAL A 36 -1.17 31.06 10.95
C VAL A 36 -2.35 30.10 10.93
N VAL A 37 -2.07 28.82 11.08
CA VAL A 37 -3.05 27.77 10.86
C VAL A 37 -3.50 27.24 12.21
N ASN A 38 -4.81 27.14 12.41
CA ASN A 38 -5.33 26.50 13.61
C ASN A 38 -6.23 25.30 13.32
N THR A 39 -6.45 24.96 12.05
CA THR A 39 -7.26 23.81 11.69
C THR A 39 -6.35 22.60 11.38
N HIS A 40 -6.97 21.46 11.09
CA HIS A 40 -6.22 20.23 10.78
C HIS A 40 -6.97 19.49 9.68
N GLY A 41 -6.39 19.42 8.48
CA GLY A 41 -7.00 18.60 7.45
C GLY A 41 -6.60 18.99 6.05
N PRO A 42 -7.21 18.34 5.06
CA PRO A 42 -6.81 18.58 3.67
C PRO A 42 -7.16 19.98 3.21
N VAL A 43 -6.37 20.48 2.25
CA VAL A 43 -6.69 21.75 1.64
C VAL A 43 -7.76 21.58 0.58
N GLU A 44 -7.69 20.49 -0.19
CA GLU A 44 -8.60 20.19 -1.28
C GLU A 44 -9.04 18.74 -1.20
N PRO A 45 -10.21 18.41 -1.76
CA PRO A 45 -10.71 17.03 -1.65
C PRO A 45 -9.89 16.02 -2.44
N ASP A 46 -9.99 14.76 -2.02
CA ASP A 46 -9.54 13.66 -2.85
C ASP A 46 -10.19 13.77 -4.22
N LYS A 47 -9.44 13.42 -5.27
CA LYS A 47 -9.90 13.60 -6.64
C LYS A 47 -10.57 12.32 -7.14
N ASP A 48 -11.77 12.45 -7.69
CA ASP A 48 -12.38 11.27 -8.28
C ASP A 48 -12.19 11.20 -9.79
N ASN A 49 -11.56 12.20 -10.39
CA ASN A 49 -11.06 12.18 -11.77
C ASN A 49 -9.62 12.66 -11.75
N ILE A 50 -8.70 11.86 -12.27
CA ILE A 50 -7.29 12.26 -12.33
C ILE A 50 -6.86 12.30 -13.79
N ARG A 51 -6.18 13.38 -14.16
CA ARG A 51 -5.55 13.56 -15.47
C ARG A 51 -4.79 12.31 -15.90
N GLN A 52 -5.20 11.72 -17.02
CA GLN A 52 -4.58 10.49 -17.49
C GLN A 52 -3.28 10.72 -18.24
N GLU A 53 -3.09 11.90 -18.79
CA GLU A 53 -1.92 12.18 -19.63
C GLU A 53 -0.82 12.85 -18.82
N PRO A 54 0.42 12.44 -19.08
CA PRO A 54 1.57 13.15 -18.47
C PRO A 54 1.54 14.64 -18.80
N TYR A 55 2.05 15.44 -17.87
CA TYR A 55 2.22 16.86 -18.15
C TYR A 55 3.25 17.08 -19.25
N THR A 56 3.10 18.20 -19.95
CA THR A 56 3.95 18.51 -21.10
C THR A 56 5.30 19.01 -20.65
N LEU A 57 6.37 18.38 -21.14
CA LEU A 57 7.72 18.86 -20.92
C LEU A 57 8.12 19.83 -22.03
N PRO A 58 9.13 20.66 -21.79
CA PRO A 58 9.69 21.47 -22.88
C PRO A 58 10.09 20.59 -24.05
N GLN A 59 10.03 21.16 -25.25
CA GLN A 59 10.36 20.43 -26.46
C GLN A 59 11.73 19.78 -26.33
N GLY A 60 11.83 18.52 -26.73
CA GLY A 60 13.11 17.84 -26.70
C GLY A 60 13.37 17.02 -25.45
N PHE A 61 12.40 16.94 -24.53
CA PHE A 61 12.55 16.13 -23.33
C PHE A 61 11.33 15.24 -23.16
N THR A 62 11.52 14.11 -22.48
CA THR A 62 10.47 13.11 -22.36
C THR A 62 10.55 12.45 -20.99
N TRP A 63 9.42 11.91 -20.55
CA TRP A 63 9.34 11.19 -19.27
C TRP A 63 9.91 9.78 -19.41
N ASP A 64 10.46 9.29 -18.31
CA ASP A 64 10.88 7.88 -18.24
C ASP A 64 10.87 7.42 -16.79
N ALA A 65 10.11 6.37 -16.51
CA ALA A 65 10.16 5.73 -15.20
C ALA A 65 11.42 4.89 -15.06
N LEU A 66 12.19 5.10 -14.00
CA LEU A 66 13.51 4.47 -13.89
C LEU A 66 13.40 3.15 -13.14
N ASP A 67 13.69 2.05 -13.81
CA ASP A 67 13.74 0.74 -13.17
C ASP A 67 15.14 0.58 -12.58
N LEU A 68 15.25 0.75 -11.25
CA LEU A 68 16.54 0.73 -10.58
C LEU A 68 17.11 -0.67 -10.42
N GLY A 69 16.29 -1.70 -10.65
CA GLY A 69 16.80 -3.06 -10.76
C GLY A 69 17.65 -3.28 -11.98
N ASP A 70 17.54 -2.38 -12.96
CA ASP A 70 18.47 -2.31 -14.09
C ASP A 70 19.72 -1.58 -13.61
N ARG A 71 20.84 -2.31 -13.56
CA ARG A 71 22.10 -1.75 -13.07
C ARG A 71 22.50 -0.51 -13.85
N GLY A 72 22.35 -0.55 -15.17
CA GLY A 72 22.72 0.61 -15.98
C GLY A 72 21.88 1.84 -15.67
N VAL A 73 20.58 1.65 -15.44
CA VAL A 73 19.71 2.78 -15.10
C VAL A 73 20.06 3.33 -13.71
N LEU A 74 20.30 2.45 -12.74
CA LEU A 74 20.71 2.92 -11.41
C LEU A 74 21.98 3.74 -11.50
N LYS A 75 22.93 3.33 -12.33
N LYS A 75 22.93 3.34 -12.34
CA LYS A 75 24.16 4.12 -12.49
CA LYS A 75 24.16 4.11 -12.51
C LYS A 75 23.87 5.48 -13.11
C LYS A 75 23.87 5.46 -13.12
N GLU A 76 22.95 5.53 -14.08
CA GLU A 76 22.56 6.80 -14.66
C GLU A 76 22.00 7.74 -13.61
N LEU A 77 21.17 7.22 -12.70
CA LEU A 77 20.64 8.05 -11.63
C LEU A 77 21.74 8.45 -10.66
N TYR A 78 22.59 7.49 -10.26
CA TYR A 78 23.74 7.83 -9.43
C TYR A 78 24.54 8.98 -10.06
N THR A 79 24.76 8.91 -11.37
CA THR A 79 25.60 9.91 -12.03
C THR A 79 24.89 11.26 -12.08
N LEU A 80 23.60 11.27 -12.42
CA LEU A 80 22.84 12.52 -12.39
C LEU A 80 22.98 13.21 -11.04
N LEU A 81 22.73 12.46 -9.96
CA LEU A 81 22.78 13.06 -8.63
C LEU A 81 24.22 13.41 -8.23
N ASN A 82 25.18 12.52 -8.52
CA ASN A 82 26.58 12.79 -8.16
C ASN A 82 27.07 14.09 -8.79
N GLU A 83 26.54 14.43 -9.97
CA GLU A 83 27.00 15.62 -10.68
C GLU A 83 26.10 16.83 -10.49
N ASN A 84 24.83 16.65 -10.08
CA ASN A 84 23.89 17.76 -10.13
C ASN A 84 23.02 17.94 -8.88
N TYR A 85 23.24 17.17 -7.82
CA TYR A 85 22.32 17.21 -6.68
C TYR A 85 22.82 18.24 -5.66
N VAL A 86 22.37 18.13 -4.41
CA VAL A 86 22.48 19.23 -3.45
C VAL A 86 23.95 19.50 -3.13
N GLU A 87 24.30 20.79 -3.12
CA GLU A 87 25.61 21.26 -2.67
C GLU A 87 25.46 22.07 -1.39
N ASP A 88 26.57 22.23 -0.68
CA ASP A 88 26.58 23.15 0.45
C ASP A 88 26.45 24.60 -0.03
N ASP A 89 26.28 25.49 0.94
CA ASP A 89 26.03 26.89 0.67
C ASP A 89 27.14 27.56 -0.15
N ASP A 90 28.36 27.01 -0.11
CA ASP A 90 29.51 27.62 -0.75
C ASP A 90 30.02 26.82 -1.95
N ASN A 91 29.24 25.83 -2.41
CA ASN A 91 29.62 25.02 -3.57
C ASN A 91 31.00 24.41 -3.39
N MET A 92 31.24 23.85 -2.20
CA MET A 92 32.47 23.14 -1.92
C MET A 92 32.29 21.64 -1.80
N PHE A 93 31.08 21.17 -1.46
CA PHE A 93 30.79 19.75 -1.32
C PHE A 93 29.43 19.44 -1.92
N ARG A 94 29.31 18.25 -2.51
CA ARG A 94 28.05 17.79 -3.09
C ARG A 94 27.78 16.36 -2.61
N PHE A 95 26.53 16.10 -2.20
CA PHE A 95 26.12 14.75 -1.81
C PHE A 95 26.60 13.73 -2.83
N ASP A 96 27.06 12.58 -2.35
CA ASP A 96 27.49 11.49 -3.22
C ASP A 96 26.77 10.21 -2.81
N TYR A 97 25.43 10.24 -2.89
CA TYR A 97 24.65 9.04 -2.60
C TYR A 97 25.15 7.88 -3.44
N SER A 98 25.43 6.74 -2.79
CA SER A 98 25.90 5.56 -3.50
C SER A 98 24.73 4.84 -4.20
N PRO A 99 25.02 4.00 -5.19
CA PRO A 99 23.93 3.24 -5.83
C PRO A 99 23.20 2.33 -4.86
N GLU A 100 23.95 1.68 -3.95
N GLU A 100 23.95 1.67 -3.96
CA GLU A 100 23.31 0.80 -2.98
CA GLU A 100 23.34 0.79 -2.96
C GLU A 100 22.48 1.60 -1.99
C GLU A 100 22.49 1.59 -1.97
N PHE A 101 22.93 2.79 -1.61
CA PHE A 101 22.11 3.66 -0.78
C PHE A 101 20.82 4.03 -1.49
N LEU A 102 20.92 4.45 -2.76
CA LEU A 102 19.73 4.82 -3.53
C LEU A 102 18.73 3.66 -3.59
N LEU A 103 19.21 2.43 -3.78
CA LEU A 103 18.29 1.29 -3.70
C LEU A 103 17.60 1.23 -2.35
N TRP A 104 18.33 1.50 -1.27
CA TRP A 104 17.74 1.47 0.07
C TRP A 104 16.69 2.56 0.22
N ALA A 105 16.99 3.77 -0.26
CA ALA A 105 16.07 4.89 -0.09
C ALA A 105 14.89 4.82 -1.04
N LEU A 106 15.07 4.20 -2.22
CA LEU A 106 14.07 4.26 -3.26
C LEU A 106 13.32 2.95 -3.47
N ARG A 107 13.79 1.84 -2.90
CA ARG A 107 12.95 0.63 -2.93
C ARG A 107 12.58 0.13 -1.53
N PRO A 108 11.95 0.94 -0.69
CA PRO A 108 11.39 0.41 0.55
C PRO A 108 10.14 -0.40 0.25
N PRO A 109 9.56 -1.06 1.25
CA PRO A 109 8.29 -1.77 1.04
C PRO A 109 7.25 -0.86 0.38
N GLY A 110 6.64 -1.37 -0.68
CA GLY A 110 5.59 -0.65 -1.37
C GLY A 110 6.05 0.27 -2.47
N TRP A 111 7.36 0.32 -2.76
CA TRP A 111 7.85 1.20 -3.81
C TRP A 111 7.18 0.85 -5.14
N LEU A 112 7.03 1.87 -5.99
CA LEU A 112 6.44 1.72 -7.30
C LEU A 112 7.38 2.27 -8.36
N PRO A 113 7.56 1.54 -9.47
CA PRO A 113 8.48 2.01 -10.51
C PRO A 113 8.04 3.32 -11.15
N GLN A 114 6.73 3.54 -11.33
CA GLN A 114 6.26 4.80 -11.91
C GLN A 114 6.57 6.00 -11.02
N TRP A 115 6.87 5.78 -9.74
CA TRP A 115 7.23 6.85 -8.82
C TRP A 115 8.72 7.14 -8.79
N HIS A 116 9.51 6.53 -9.67
CA HIS A 116 10.90 6.93 -9.90
C HIS A 116 10.88 7.67 -11.23
N CYS A 117 10.59 8.96 -11.17
CA CYS A 117 10.10 9.71 -12.33
C CYS A 117 11.28 10.47 -12.92
N GLY A 118 11.80 10.00 -14.06
CA GLY A 118 12.94 10.62 -14.70
C GLY A 118 12.53 11.48 -15.88
N VAL A 119 13.44 12.39 -16.26
CA VAL A 119 13.33 13.18 -17.48
C VAL A 119 14.56 12.91 -18.31
N ARG A 120 14.37 12.58 -19.59
CA ARG A 120 15.47 12.30 -20.50
C ARG A 120 15.42 13.21 -21.72
N VAL A 121 16.60 13.50 -22.28
CA VAL A 121 16.68 14.13 -23.59
C VAL A 121 16.12 13.16 -24.62
N VAL A 122 15.26 13.65 -25.51
CA VAL A 122 14.60 12.77 -26.47
C VAL A 122 15.62 12.11 -27.40
N SER A 123 16.54 12.91 -27.94
CA SER A 123 17.41 12.40 -29.00
C SER A 123 18.51 11.50 -28.45
N SER A 124 19.05 11.83 -27.28
CA SER A 124 20.19 11.11 -26.73
C SER A 124 19.82 10.17 -25.60
N ARG A 125 18.62 10.30 -25.05
CA ARG A 125 18.13 9.55 -23.89
C ARG A 125 18.92 9.87 -22.61
N LYS A 126 19.73 10.92 -22.62
CA LYS A 126 20.47 11.30 -21.43
C LYS A 126 19.52 11.69 -20.30
N LEU A 127 19.81 11.20 -19.10
CA LEU A 127 19.00 11.51 -17.92
C LEU A 127 19.36 12.90 -17.40
N VAL A 128 18.38 13.80 -17.36
CA VAL A 128 18.62 15.20 -16.99
C VAL A 128 17.68 15.70 -15.89
N GLY A 129 16.80 14.86 -15.37
CA GLY A 129 15.92 15.30 -14.30
C GLY A 129 15.33 14.10 -13.59
N PHE A 130 14.97 14.29 -12.34
CA PHE A 130 14.45 13.19 -11.52
C PHE A 130 13.64 13.75 -10.38
N ILE A 131 12.66 12.96 -9.95
CA ILE A 131 11.99 13.16 -8.66
C ILE A 131 11.40 11.82 -8.26
N SER A 132 11.26 11.59 -6.96
CA SER A 132 10.76 10.29 -6.54
C SER A 132 9.72 10.42 -5.44
N ALA A 133 8.83 9.43 -5.40
CA ALA A 133 7.90 9.22 -4.31
C ALA A 133 8.07 7.80 -3.76
N ILE A 134 8.00 7.68 -2.43
CA ILE A 134 7.86 6.34 -1.83
C ILE A 134 6.70 6.42 -0.85
N PRO A 135 5.98 5.33 -0.62
CA PRO A 135 4.83 5.38 0.28
C PRO A 135 5.26 5.38 1.74
N ALA A 136 4.49 6.10 2.55
CA ALA A 136 4.74 6.11 3.98
C ALA A 136 3.43 6.42 4.70
N ASN A 137 3.19 5.73 5.80
CA ASN A 137 2.12 6.12 6.70
C ASN A 137 2.68 7.14 7.67
N ILE A 138 1.98 8.27 7.80
CA ILE A 138 2.48 9.43 8.53
C ILE A 138 1.48 9.80 9.61
N HIS A 139 1.96 9.94 10.83
CA HIS A 139 1.15 10.41 11.95
C HIS A 139 1.39 11.91 12.09
N ILE A 140 0.35 12.72 11.94
CA ILE A 140 0.49 14.17 12.04
C ILE A 140 -0.57 14.66 13.03
N TYR A 141 -0.10 15.12 14.18
CA TYR A 141 -0.95 15.40 15.34
C TYR A 141 -1.87 14.22 15.63
N ASP A 142 -3.17 14.38 15.48
CA ASP A 142 -4.10 13.31 15.85
C ASP A 142 -4.57 12.47 14.66
N THR A 143 -3.93 12.62 13.51
CA THR A 143 -4.34 11.90 12.31
C THR A 143 -3.19 11.04 11.78
N GLU A 144 -3.52 9.82 11.38
CA GLU A 144 -2.65 8.98 10.58
C GLU A 144 -3.16 8.95 9.16
N LYS A 145 -2.28 9.22 8.19
CA LYS A 145 -2.64 9.31 6.79
C LYS A 145 -1.63 8.52 5.97
N LYS A 146 -2.10 7.73 5.02
CA LYS A 146 -1.22 7.22 3.99
C LYS A 146 -0.74 8.38 3.12
N MET A 147 0.58 8.53 2.99
CA MET A 147 1.16 9.61 2.21
C MET A 147 2.27 9.05 1.34
N VAL A 148 2.94 9.93 0.61
CA VAL A 148 4.23 9.61 0.02
C VAL A 148 5.27 10.55 0.61
N GLU A 149 6.52 10.08 0.63
CA GLU A 149 7.67 10.95 0.87
C GLU A 149 8.31 11.27 -0.47
N ILE A 150 8.54 12.53 -0.73
CA ILE A 150 9.15 12.98 -1.98
C ILE A 150 10.61 13.26 -1.70
N ASN A 151 11.47 12.83 -2.61
CA ASN A 151 12.90 12.95 -2.40
C ASN A 151 13.59 13.04 -3.76
N PHE A 152 14.84 13.48 -3.74
CA PHE A 152 15.77 13.43 -4.89
C PHE A 152 15.26 14.25 -6.07
N LEU A 153 14.60 15.36 -5.80
CA LEU A 153 14.25 16.30 -6.86
C LEU A 153 15.53 16.89 -7.42
N CYS A 154 15.77 16.70 -8.72
CA CYS A 154 17.06 17.10 -9.29
C CYS A 154 16.89 17.43 -10.76
N VAL A 155 17.41 18.60 -11.16
CA VAL A 155 17.43 19.04 -12.55
C VAL A 155 18.88 19.30 -12.94
N HIS A 156 19.29 18.78 -14.09
CA HIS A 156 20.67 18.94 -14.56
C HIS A 156 21.08 20.40 -14.54
N LYS A 157 22.33 20.66 -14.11
CA LYS A 157 22.83 22.04 -14.06
C LYS A 157 22.60 22.77 -15.40
N LYS A 158 22.66 22.06 -16.52
CA LYS A 158 22.41 22.68 -17.81
C LYS A 158 20.93 22.97 -18.07
N LEU A 159 20.01 22.40 -17.30
CA LEU A 159 18.58 22.61 -17.50
C LEU A 159 17.97 23.56 -16.47
N ARG A 160 18.79 24.18 -15.63
CA ARG A 160 18.29 24.94 -14.48
C ARG A 160 17.57 26.20 -14.93
N SER A 161 16.68 26.68 -14.05
CA SER A 161 15.96 27.94 -14.22
C SER A 161 15.12 27.96 -15.50
N LYS A 162 14.73 26.78 -15.99
CA LYS A 162 13.84 26.66 -17.13
C LYS A 162 12.45 26.16 -16.73
N ARG A 163 12.09 26.27 -15.45
CA ARG A 163 10.78 25.89 -14.94
C ARG A 163 10.49 24.39 -15.15
N VAL A 164 11.54 23.58 -15.14
CA VAL A 164 11.33 22.13 -15.21
C VAL A 164 10.93 21.56 -13.85
N ALA A 165 11.38 22.16 -12.75
CA ALA A 165 11.04 21.61 -11.44
C ALA A 165 9.53 21.63 -11.16
N PRO A 166 8.78 22.68 -11.48
CA PRO A 166 7.31 22.57 -11.33
C PRO A 166 6.69 21.46 -12.15
N VAL A 167 7.23 21.15 -13.33
CA VAL A 167 6.66 20.05 -14.12
C VAL A 167 6.93 18.72 -13.43
N LEU A 168 8.16 18.52 -12.95
CA LEU A 168 8.47 17.33 -12.18
C LEU A 168 7.54 17.17 -10.99
N ILE A 169 7.27 18.28 -10.29
CA ILE A 169 6.43 18.21 -9.11
C ILE A 169 4.99 17.87 -9.48
N ARG A 170 4.46 18.52 -10.52
N ARG A 170 4.46 18.52 -10.52
CA ARG A 170 3.09 18.23 -10.94
CA ARG A 170 3.09 18.23 -10.93
C ARG A 170 2.95 16.80 -11.44
C ARG A 170 2.95 16.80 -11.44
N GLU A 171 3.98 16.30 -12.14
CA GLU A 171 3.89 14.95 -12.70
C GLU A 171 3.94 13.88 -11.61
N ILE A 172 4.85 14.00 -10.65
CA ILE A 172 4.84 13.02 -9.55
C ILE A 172 3.56 13.17 -8.75
N THR A 173 3.06 14.40 -8.60
CA THR A 173 1.77 14.59 -7.94
C THR A 173 0.68 13.80 -8.67
N ARG A 174 0.62 13.95 -10.00
CA ARG A 174 -0.37 13.22 -10.80
C ARG A 174 -0.22 11.72 -10.61
N ARG A 175 1.02 11.23 -10.64
CA ARG A 175 1.25 9.78 -10.56
C ARG A 175 0.93 9.22 -9.19
N VAL A 176 1.07 10.02 -8.14
CA VAL A 176 0.67 9.62 -6.79
C VAL A 176 -0.86 9.64 -6.66
N HIS A 177 -1.50 10.69 -7.22
CA HIS A 177 -2.96 10.75 -7.22
C HIS A 177 -3.58 9.51 -7.88
N LEU A 178 -2.97 9.03 -8.97
CA LEU A 178 -3.51 7.85 -9.66
C LEU A 178 -3.60 6.65 -8.74
N GLU A 179 -2.76 6.60 -7.71
CA GLU A 179 -2.75 5.48 -6.76
C GLU A 179 -3.61 5.77 -5.53
N GLY A 180 -4.40 6.84 -5.54
CA GLY A 180 -5.33 7.11 -4.46
C GLY A 180 -4.71 7.79 -3.26
N ILE A 181 -3.58 8.47 -3.42
CA ILE A 181 -2.89 9.14 -2.33
C ILE A 181 -2.88 10.64 -2.62
N PHE A 182 -3.20 11.46 -1.61
CA PHE A 182 -3.44 12.88 -1.83
C PHE A 182 -2.68 13.79 -0.86
N GLN A 183 -1.82 13.22 -0.02
CA GLN A 183 -0.95 13.98 0.86
C GLN A 183 0.49 13.51 0.64
N ALA A 184 1.44 14.40 0.93
CA ALA A 184 2.86 14.08 0.88
C ALA A 184 3.61 14.81 1.99
N VAL A 185 4.77 14.29 2.35
CA VAL A 185 5.71 14.96 3.23
C VAL A 185 7.06 15.06 2.51
N TYR A 186 7.79 16.13 2.78
CA TYR A 186 9.07 16.37 2.11
C TYR A 186 9.83 17.41 2.90
N THR A 187 11.15 17.44 2.70
CA THR A 187 11.99 18.45 3.32
C THR A 187 12.68 19.24 2.22
N ALA A 188 13.17 20.43 2.60
CA ALA A 188 13.97 21.22 1.69
C ALA A 188 14.82 22.18 2.49
N GLY A 189 15.99 22.50 1.95
CA GLY A 189 16.83 23.53 2.54
C GLY A 189 16.35 24.94 2.29
N VAL A 190 15.43 25.13 1.36
CA VAL A 190 14.90 26.44 1.03
C VAL A 190 13.52 26.61 1.66
N VAL A 191 13.12 27.86 1.86
CA VAL A 191 11.84 28.17 2.47
C VAL A 191 10.78 28.31 1.36
N LEU A 192 9.72 27.53 1.47
CA LEU A 192 8.58 27.57 0.57
C LEU A 192 7.32 27.71 1.39
N PRO A 193 6.20 28.06 0.78
CA PRO A 193 4.91 27.88 1.48
C PRO A 193 4.67 26.40 1.69
N LYS A 194 4.49 25.97 2.95
CA LYS A 194 4.80 26.67 4.19
C LYS A 194 5.33 25.63 5.19
N PRO A 195 6.49 25.87 5.79
CA PRO A 195 7.06 24.85 6.68
C PRO A 195 6.10 24.48 7.80
N VAL A 196 5.96 23.17 8.03
CA VAL A 196 5.29 22.71 9.25
C VAL A 196 6.27 22.68 10.41
N GLY A 197 7.58 22.67 10.14
CA GLY A 197 8.59 22.76 11.18
C GLY A 197 9.92 23.09 10.56
N THR A 198 10.77 23.76 11.33
CA THR A 198 12.08 24.19 10.84
C THR A 198 13.15 23.59 11.74
N CYS A 199 14.04 22.81 11.16
CA CYS A 199 15.11 22.16 11.89
C CYS A 199 16.46 22.66 11.40
N ARG A 200 17.47 22.45 12.22
CA ARG A 200 18.83 22.94 11.96
C ARG A 200 19.77 21.76 12.09
N TYR A 201 20.68 21.60 11.11
CA TYR A 201 21.73 20.60 11.24
C TYR A 201 22.83 21.10 12.17
N TRP A 202 23.34 20.19 13.00
CA TRP A 202 24.53 20.35 13.81
C TRP A 202 25.53 19.29 13.40
N HIS A 203 26.81 19.54 13.71
CA HIS A 203 27.91 18.72 13.22
C HIS A 203 28.88 18.41 14.35
N ARG A 204 29.24 17.13 14.50
CA ARG A 204 30.22 16.70 15.52
C ARG A 204 31.48 16.21 14.81
N SER A 205 32.56 16.96 14.92
CA SER A 205 33.82 16.56 14.30
C SER A 205 34.31 15.24 14.89
N LEU A 206 34.67 14.32 14.01
CA LEU A 206 35.27 13.04 14.39
C LEU A 206 36.72 12.95 13.95
N ASN A 207 37.02 13.53 12.80
CA ASN A 207 38.36 13.58 12.25
C ASN A 207 38.66 15.04 11.92
N PRO A 208 38.91 15.87 12.95
CA PRO A 208 39.01 17.32 12.72
C PRO A 208 40.16 17.71 11.80
N ARG A 209 41.27 16.98 11.85
CA ARG A 209 42.38 17.27 10.94
C ARG A 209 41.91 17.30 9.49
N LYS A 210 41.16 16.27 9.08
CA LYS A 210 40.72 16.21 7.69
C LYS A 210 39.63 17.24 7.40
N LEU A 211 38.71 17.46 8.34
CA LEU A 211 37.66 18.44 8.14
C LEU A 211 38.24 19.85 7.92
N ILE A 212 39.28 20.19 8.70
CA ILE A 212 39.91 21.50 8.53
C ILE A 212 40.68 21.55 7.22
N GLU A 213 41.32 20.45 6.84
CA GLU A 213 42.11 20.42 5.62
C GLU A 213 41.24 20.60 4.38
N VAL A 214 40.03 20.02 4.36
CA VAL A 214 39.13 20.22 3.22
C VAL A 214 38.25 21.44 3.40
N LYS A 215 38.43 22.17 4.50
CA LYS A 215 37.70 23.41 4.77
C LYS A 215 36.21 23.18 5.00
N PHE A 216 35.86 21.98 5.48
CA PHE A 216 34.53 21.74 6.02
C PHE A 216 34.35 22.49 7.33
N SER A 217 35.39 22.54 8.15
CA SER A 217 35.38 23.32 9.37
C SER A 217 36.66 24.16 9.41
N HIS A 218 36.73 25.05 10.39
CA HIS A 218 37.81 26.00 10.47
C HIS A 218 38.41 26.03 11.87
N LEU A 219 39.73 26.11 11.91
CA LEU A 219 40.45 26.27 13.17
C LEU A 219 40.13 27.62 13.79
N SER A 220 39.74 27.61 15.06
CA SER A 220 39.20 28.79 15.74
C SER A 220 40.18 29.96 15.87
N ARG A 221 41.38 29.83 15.31
CA ARG A 221 42.39 30.89 15.25
C ARG A 221 42.96 31.24 16.63
N ASN A 222 42.17 31.03 17.69
CA ASN A 222 42.67 31.05 19.06
C ASN A 222 42.92 29.63 19.59
N MET A 223 42.80 28.62 18.73
CA MET A 223 43.07 27.23 19.08
C MET A 223 44.06 26.64 18.10
N THR A 224 45.01 25.87 18.62
CA THR A 224 45.92 25.14 17.75
C THR A 224 45.24 23.88 17.20
N MET A 225 45.83 23.34 16.14
CA MET A 225 45.38 22.05 15.62
C MET A 225 45.53 20.96 16.67
N GLN A 226 46.67 20.94 17.38
CA GLN A 226 46.88 19.98 18.45
C GLN A 226 45.76 20.03 19.47
N ARG A 227 45.34 21.23 19.88
CA ARG A 227 44.32 21.34 20.91
C ARG A 227 42.94 20.94 20.38
N THR A 228 42.68 21.21 19.10
CA THR A 228 41.41 20.80 18.50
C THR A 228 41.25 19.27 18.52
N MET A 229 42.31 18.55 18.19
CA MET A 229 42.25 17.09 18.17
C MET A 229 42.04 16.52 19.58
N LYS A 230 42.65 17.14 20.59
CA LYS A 230 42.38 16.70 21.96
C LYS A 230 40.95 16.99 22.37
N LEU A 231 40.43 18.15 21.95
CA LEU A 231 39.05 18.51 22.27
C LEU A 231 38.07 17.46 21.76
N TYR A 232 38.27 16.97 20.54
CA TYR A 232 37.32 16.08 19.88
C TYR A 232 37.66 14.61 20.03
N ARG A 233 38.72 14.27 20.76
CA ARG A 233 39.11 12.88 20.92
C ARG A 233 38.03 12.09 21.64
N LEU A 234 37.80 10.86 21.19
CA LEU A 234 36.77 10.02 21.76
C LEU A 234 37.38 8.71 22.24
N PRO A 235 36.75 8.03 23.22
CA PRO A 235 37.19 6.68 23.60
C PRO A 235 37.27 5.75 22.41
N GLU A 236 38.05 4.67 22.50
CA GLU A 236 38.19 3.76 21.37
C GLU A 236 37.07 2.74 21.27
N THR A 237 36.34 2.48 22.36
CA THR A 237 35.25 1.52 22.38
C THR A 237 34.08 2.10 23.16
N PRO A 238 32.85 1.75 22.80
CA PRO A 238 31.69 2.32 23.48
C PRO A 238 31.61 1.89 24.93
N LYS A 239 30.86 2.66 25.71
CA LYS A 239 30.79 2.39 27.14
C LYS A 239 29.51 1.69 27.58
N THR A 240 28.44 1.72 26.78
CA THR A 240 27.19 1.11 27.22
C THR A 240 27.28 -0.41 27.22
N ALA A 241 26.91 -0.99 28.36
CA ALA A 241 26.87 -2.44 28.51
C ALA A 241 25.88 -3.07 27.56
N GLY A 242 26.31 -4.10 26.84
CA GLY A 242 25.39 -4.87 26.02
C GLY A 242 25.11 -4.31 24.65
N LEU A 243 25.82 -3.26 24.25
CA LEU A 243 25.67 -2.71 22.91
C LEU A 243 26.20 -3.69 21.87
N ARG A 244 25.44 -3.89 20.80
CA ARG A 244 25.83 -4.80 19.73
C ARG A 244 25.02 -4.44 18.49
N PRO A 245 25.48 -4.84 17.30
CA PRO A 245 24.69 -4.57 16.10
C PRO A 245 23.33 -5.24 16.16
N MET A 246 22.33 -4.57 15.62
CA MET A 246 21.01 -5.17 15.45
C MET A 246 21.10 -6.41 14.56
N GLU A 247 20.32 -7.44 14.92
CA GLU A 247 20.25 -8.70 14.20
C GLU A 247 18.79 -8.96 13.84
N THR A 248 18.57 -9.98 13.02
CA THR A 248 17.22 -10.28 12.56
C THR A 248 16.27 -10.48 13.73
N LYS A 249 16.74 -11.14 14.80
CA LYS A 249 15.88 -11.43 15.93
C LYS A 249 15.42 -10.17 16.66
N ASP A 250 16.11 -9.04 16.45
CA ASP A 250 15.74 -7.78 17.10
C ASP A 250 14.66 -7.00 16.36
N ILE A 251 14.29 -7.43 15.16
CA ILE A 251 13.33 -6.63 14.38
C ILE A 251 12.05 -6.35 15.17
N PRO A 252 11.38 -7.33 15.79
CA PRO A 252 10.15 -7.00 16.52
C PRO A 252 10.33 -6.01 17.66
N VAL A 253 11.35 -6.20 18.50
CA VAL A 253 11.49 -5.29 19.64
C VAL A 253 11.92 -3.90 19.18
N VAL A 254 12.73 -3.81 18.12
CA VAL A 254 13.07 -2.49 17.57
C VAL A 254 11.80 -1.80 17.07
N HIS A 255 10.95 -2.55 16.37
CA HIS A 255 9.67 -2.01 15.95
C HIS A 255 8.83 -1.56 17.15
N GLN A 256 8.80 -2.37 18.21
CA GLN A 256 8.03 -2.02 19.40
C GLN A 256 8.62 -0.78 20.08
N LEU A 257 9.94 -0.75 20.27
CA LEU A 257 10.58 0.40 20.91
C LEU A 257 10.33 1.68 20.14
N LEU A 258 10.52 1.64 18.82
CA LEU A 258 10.33 2.82 17.97
C LEU A 258 8.89 3.32 18.04
N THR A 259 7.92 2.42 17.89
CA THR A 259 6.53 2.83 17.83
C THR A 259 6.12 3.56 19.11
N ARG A 260 6.50 3.01 20.27
N ARG A 260 6.48 3.00 20.26
CA ARG A 260 6.14 3.63 21.53
CA ARG A 260 6.14 3.65 21.53
C ARG A 260 6.90 4.93 21.76
C ARG A 260 6.89 4.96 21.70
N TYR A 261 8.17 4.99 21.33
CA TYR A 261 8.97 6.20 21.52
C TYR A 261 8.47 7.37 20.67
N LEU A 262 7.95 7.10 19.48
CA LEU A 262 7.54 8.17 18.58
C LEU A 262 6.21 8.82 18.96
N LYS A 263 5.43 8.19 19.85
N LYS A 263 5.43 8.18 19.84
CA LYS A 263 4.14 8.74 20.24
CA LYS A 263 4.14 8.74 20.25
C LYS A 263 4.26 10.15 20.80
C LYS A 263 4.26 10.15 20.80
N GLN A 264 5.41 10.51 21.36
CA GLN A 264 5.57 11.79 22.02
C GLN A 264 5.77 12.96 21.05
N PHE A 265 5.96 12.70 19.77
CA PHE A 265 6.19 13.75 18.79
C PHE A 265 4.94 13.93 17.93
N HIS A 266 4.93 15.00 17.13
CA HIS A 266 3.71 15.36 16.41
C HIS A 266 3.77 15.09 14.91
N LEU A 267 4.94 14.79 14.35
CA LEU A 267 5.07 14.38 12.95
C LEU A 267 6.02 13.19 12.95
N THR A 268 5.49 12.00 12.66
CA THR A 268 6.30 10.79 12.80
C THR A 268 5.91 9.79 11.72
N PRO A 269 6.78 8.84 11.41
CA PRO A 269 6.37 7.71 10.58
C PRO A 269 5.66 6.66 11.43
N VAL A 270 4.84 5.88 10.76
CA VAL A 270 4.18 4.73 11.36
C VAL A 270 4.65 3.53 10.55
N MET A 271 5.60 2.78 11.09
CA MET A 271 6.28 1.75 10.31
C MET A 271 5.70 0.39 10.65
N SER A 272 5.42 -0.41 9.63
CA SER A 272 5.17 -1.82 9.85
C SER A 272 6.46 -2.51 10.27
N GLN A 273 6.34 -3.75 10.72
CA GLN A 273 7.54 -4.51 11.08
C GLN A 273 8.43 -4.74 9.86
N GLU A 274 7.83 -4.93 8.68
CA GLU A 274 8.62 -5.07 7.46
C GLU A 274 9.33 -3.76 7.10
N GLU A 275 8.69 -2.63 7.36
CA GLU A 275 9.36 -1.34 7.15
C GLU A 275 10.50 -1.14 8.14
N VAL A 276 10.31 -1.56 9.40
CA VAL A 276 11.40 -1.47 10.37
C VAL A 276 12.60 -2.29 9.90
N GLU A 277 12.35 -3.50 9.42
CA GLU A 277 13.45 -4.30 8.88
C GLU A 277 14.17 -3.54 7.76
N HIS A 278 13.41 -2.96 6.82
CA HIS A 278 14.04 -2.25 5.72
C HIS A 278 14.90 -1.09 6.23
N TRP A 279 14.35 -0.24 7.08
CA TRP A 279 15.03 1.00 7.41
C TRP A 279 16.14 0.83 8.45
N PHE A 280 16.13 -0.26 9.24
CA PHE A 280 17.09 -0.37 10.33
C PHE A 280 18.05 -1.56 10.25
N TYR A 281 17.70 -2.63 9.54
CA TYR A 281 18.59 -3.78 9.52
C TYR A 281 19.93 -3.38 8.90
N PRO A 282 21.07 -3.63 9.57
CA PRO A 282 22.31 -2.99 9.14
C PRO A 282 22.73 -3.43 7.74
N GLN A 283 23.21 -2.46 6.96
CA GLN A 283 23.76 -2.69 5.63
C GLN A 283 25.01 -1.85 5.56
N GLU A 284 26.16 -2.49 5.37
CA GLU A 284 27.42 -1.77 5.45
C GLU A 284 27.45 -0.62 4.44
N ASN A 285 27.93 0.53 4.91
CA ASN A 285 28.04 1.78 4.15
C ASN A 285 26.68 2.38 3.78
N ILE A 286 25.60 1.96 4.45
CA ILE A 286 24.28 2.51 4.18
C ILE A 286 23.59 2.86 5.48
N ILE A 287 23.33 1.86 6.31
CA ILE A 287 22.59 2.05 7.56
C ILE A 287 23.23 1.19 8.64
N ASP A 288 23.48 1.80 9.79
CA ASP A 288 24.00 1.13 10.96
C ASP A 288 22.98 1.25 12.08
N THR A 289 22.67 0.14 12.73
CA THR A 289 21.80 0.13 13.90
C THR A 289 22.45 -0.74 14.97
N PHE A 290 22.61 -0.18 16.16
CA PHE A 290 23.08 -0.91 17.34
C PHE A 290 22.00 -0.92 18.40
N VAL A 291 21.80 -2.08 19.03
CA VAL A 291 20.82 -2.23 20.10
C VAL A 291 21.57 -2.43 21.41
N VAL A 292 20.91 -2.07 22.51
CA VAL A 292 21.41 -2.36 23.86
C VAL A 292 20.65 -3.58 24.37
N GLU A 293 21.35 -4.71 24.52
CA GLU A 293 20.79 -5.93 25.12
C GLU A 293 21.33 -6.08 26.54
N ASN A 294 20.45 -5.99 27.53
CA ASN A 294 20.93 -5.85 28.90
C ASN A 294 21.24 -7.23 29.52
N ALA A 295 21.52 -7.24 30.83
CA ALA A 295 21.92 -8.45 31.53
C ALA A 295 20.81 -9.50 31.61
N ASN A 296 19.56 -9.11 31.37
CA ASN A 296 18.43 -10.03 31.31
C ASN A 296 18.16 -10.53 29.90
N GLY A 297 18.94 -10.10 28.92
CA GLY A 297 18.67 -10.46 27.55
C GLY A 297 17.66 -9.56 26.87
N GLU A 298 17.22 -8.50 27.52
CA GLU A 298 16.18 -7.64 26.97
C GLU A 298 16.81 -6.49 26.19
N VAL A 299 16.27 -6.21 25.01
CA VAL A 299 16.70 -5.05 24.23
C VAL A 299 15.91 -3.83 24.68
N THR A 300 16.61 -2.84 25.23
CA THR A 300 15.97 -1.70 25.85
C THR A 300 16.19 -0.38 25.11
N ASP A 301 17.16 -0.32 24.20
CA ASP A 301 17.52 0.93 23.53
C ASP A 301 18.10 0.59 22.17
N PHE A 302 18.11 1.58 21.27
CA PHE A 302 18.89 1.42 20.05
C PHE A 302 19.25 2.78 19.49
N LEU A 303 20.36 2.79 18.74
CA LEU A 303 20.83 3.95 18.02
C LEU A 303 21.00 3.58 16.55
N SER A 304 20.89 4.58 15.68
CA SER A 304 21.09 4.31 14.26
C SER A 304 21.56 5.57 13.55
N PHE A 305 22.31 5.36 12.45
CA PHE A 305 22.77 6.46 11.62
C PHE A 305 23.00 5.93 10.21
N TYR A 306 22.77 6.77 9.22
CA TYR A 306 23.01 6.36 7.84
C TYR A 306 24.24 7.04 7.26
N THR A 307 24.75 6.46 6.18
CA THR A 307 26.01 6.84 5.55
C THR A 307 25.70 7.72 4.34
N LEU A 308 26.23 8.94 4.33
CA LEU A 308 26.03 9.84 3.19
C LEU A 308 27.31 10.63 2.97
N PRO A 309 28.20 10.14 2.11
CA PRO A 309 29.44 10.86 1.83
C PRO A 309 29.21 11.98 0.82
N SER A 310 30.21 12.84 0.70
CA SER A 310 30.11 14.00 -0.18
C SER A 310 31.38 14.21 -0.97
N THR A 311 31.20 14.46 -2.28
CA THR A 311 32.30 14.85 -3.13
C THR A 311 32.90 16.16 -2.65
N ILE A 312 34.23 16.24 -2.64
CA ILE A 312 34.91 17.49 -2.35
C ILE A 312 35.11 18.20 -3.69
N MET A 313 34.33 19.25 -3.92
CA MET A 313 34.17 19.76 -5.27
C MET A 313 35.45 20.40 -5.79
N ASN A 314 36.21 21.06 -4.91
CA ASN A 314 37.42 21.74 -5.36
C ASN A 314 38.57 20.77 -5.61
N HIS A 315 38.53 19.57 -5.03
CA HIS A 315 39.53 18.54 -5.27
C HIS A 315 38.79 17.24 -5.59
N PRO A 316 38.54 16.98 -6.88
CA PRO A 316 37.58 15.93 -7.24
C PRO A 316 38.06 14.50 -7.05
N THR A 317 39.36 14.22 -7.25
CA THR A 317 39.83 12.85 -7.09
C THR A 317 40.11 12.47 -5.63
N HIS A 318 40.19 13.46 -4.74
CA HIS A 318 40.44 13.18 -3.33
C HIS A 318 39.28 12.39 -2.72
N LYS A 319 39.59 11.73 -1.61
CA LYS A 319 38.60 10.91 -0.94
C LYS A 319 37.45 11.77 -0.43
N SER A 320 36.23 11.29 -0.63
CA SER A 320 35.04 12.04 -0.24
C SER A 320 35.04 12.35 1.25
N LEU A 321 34.21 13.31 1.61
CA LEU A 321 33.90 13.61 3.00
C LEU A 321 32.93 12.56 3.52
N LYS A 322 33.33 11.76 4.49
CA LYS A 322 32.51 10.65 4.96
C LYS A 322 31.69 11.11 6.16
N ALA A 323 30.38 11.26 5.99
CA ALA A 323 29.49 11.76 7.04
C ALA A 323 28.47 10.70 7.43
N ALA A 324 28.25 10.58 8.75
CA ALA A 324 27.16 9.78 9.29
C ALA A 324 26.03 10.72 9.70
N TYR A 325 24.80 10.33 9.40
CA TYR A 325 23.62 11.11 9.76
C TYR A 325 22.82 10.39 10.82
N SER A 326 22.60 11.05 11.95
CA SER A 326 21.74 10.48 12.99
C SER A 326 20.38 10.15 12.40
N PHE A 327 19.86 8.97 12.72
CA PHE A 327 18.61 8.49 12.12
C PHE A 327 17.57 8.49 13.22
N TYR A 328 17.24 7.33 13.80
CA TYR A 328 16.34 7.30 14.96
C TYR A 328 17.08 6.68 16.14
N ASN A 329 16.96 7.33 17.29
CA ASN A 329 17.65 6.92 18.51
C ASN A 329 16.61 6.82 19.62
N VAL A 330 16.43 5.61 20.13
CA VAL A 330 15.36 5.30 21.09
C VAL A 330 16.02 4.86 22.39
N HIS A 331 15.63 5.49 23.49
CA HIS A 331 16.19 5.18 24.78
C HIS A 331 15.04 4.89 25.73
N THR A 332 15.16 3.80 26.51
CA THR A 332 14.18 3.55 27.56
C THR A 332 14.90 3.26 28.88
N GLN A 333 16.12 2.74 28.79
CA GLN A 333 16.94 2.45 29.97
C GLN A 333 18.30 3.12 29.93
N THR A 334 18.95 3.17 28.78
CA THR A 334 20.21 3.89 28.65
C THR A 334 19.93 5.38 28.50
N PRO A 335 20.63 6.25 29.22
CA PRO A 335 20.44 7.69 29.02
C PRO A 335 20.81 8.07 27.58
N LEU A 336 19.98 8.93 26.98
CA LEU A 336 20.20 9.34 25.60
C LEU A 336 21.60 9.93 25.41
N LEU A 337 22.07 10.68 26.40
CA LEU A 337 23.43 11.21 26.33
C LEU A 337 24.47 10.11 26.14
N ASP A 338 24.32 9.01 26.89
CA ASP A 338 25.26 7.89 26.78
C ASP A 338 25.12 7.18 25.44
N LEU A 339 23.88 6.96 25.00
CA LEU A 339 23.62 6.34 23.71
C LEU A 339 24.29 7.13 22.59
N MET A 340 24.11 8.45 22.60
CA MET A 340 24.68 9.25 21.51
C MET A 340 26.19 9.34 21.63
N SER A 341 26.73 9.34 22.86
CA SER A 341 28.19 9.26 22.99
C SER A 341 28.72 7.98 22.34
N ASP A 342 28.01 6.86 22.53
CA ASP A 342 28.45 5.62 21.87
C ASP A 342 28.24 5.67 20.36
N ALA A 343 27.18 6.34 19.89
CA ALA A 343 27.03 6.55 18.45
C ALA A 343 28.25 7.25 17.86
N LEU A 344 28.76 8.28 18.53
CA LEU A 344 29.94 8.98 18.04
C LEU A 344 31.14 8.05 17.97
N VAL A 345 31.38 7.30 19.06
CA VAL A 345 32.51 6.37 19.10
C VAL A 345 32.42 5.35 17.98
N LEU A 346 31.22 4.81 17.72
CA LEU A 346 31.07 3.84 16.65
C LEU A 346 31.28 4.47 15.28
N ALA A 347 30.75 5.68 15.06
CA ALA A 347 30.99 6.35 13.77
C ALA A 347 32.48 6.61 13.58
N LYS A 348 33.16 7.07 14.63
CA LYS A 348 34.61 7.24 14.56
C LYS A 348 35.29 5.92 14.17
N MET A 349 34.96 4.84 14.90
CA MET A 349 35.55 3.53 14.60
C MET A 349 35.31 3.10 13.16
N LYS A 350 34.17 3.45 12.58
CA LYS A 350 33.87 3.02 11.22
C LYS A 350 34.42 3.96 10.17
N GLY A 351 35.24 4.94 10.56
CA GLY A 351 35.91 5.78 9.59
C GLY A 351 35.18 7.04 9.18
N PHE A 352 34.11 7.42 9.86
CA PHE A 352 33.43 8.66 9.51
C PHE A 352 34.26 9.87 9.94
N ASP A 353 34.14 10.96 9.17
CA ASP A 353 34.84 12.21 9.46
C ASP A 353 34.02 13.15 10.32
N VAL A 354 32.70 13.12 10.18
CA VAL A 354 31.81 14.01 10.91
C VAL A 354 30.50 13.26 11.16
N PHE A 355 29.84 13.57 12.28
CA PHE A 355 28.56 12.99 12.65
C PHE A 355 27.56 14.13 12.69
N ASN A 356 26.54 14.04 11.86
CA ASN A 356 25.52 15.07 11.71
C ASN A 356 24.24 14.66 12.41
N ALA A 357 23.56 15.65 12.99
CA ALA A 357 22.29 15.44 13.65
C ALA A 357 21.50 16.73 13.54
N LEU A 358 20.19 16.60 13.37
CA LEU A 358 19.26 17.72 13.43
C LEU A 358 18.91 18.04 14.88
N ASP A 359 18.28 19.19 15.10
CA ASP A 359 17.80 19.52 16.43
C ASP A 359 16.37 19.06 16.71
N LEU A 360 15.88 18.07 15.96
CA LEU A 360 14.53 17.58 16.17
C LEU A 360 14.51 16.54 17.29
N MET A 361 13.32 16.00 17.57
CA MET A 361 13.08 15.03 18.64
C MET A 361 13.76 15.55 19.91
N GLU A 362 14.48 14.72 20.67
CA GLU A 362 15.12 15.23 21.89
C GLU A 362 16.57 15.62 21.66
N ASN A 363 16.96 15.89 20.42
CA ASN A 363 18.38 16.02 20.13
C ASN A 363 19.02 17.22 20.81
N LYS A 364 18.26 18.30 21.05
CA LYS A 364 18.83 19.46 21.73
C LYS A 364 19.33 19.12 23.13
N THR A 365 18.86 18.03 23.75
CA THR A 365 19.34 17.67 25.07
C THR A 365 20.80 17.20 25.06
N PHE A 366 21.34 16.78 23.90
CA PHE A 366 22.72 16.30 23.87
C PHE A 366 23.66 17.04 22.92
N LEU A 367 23.15 17.88 22.00
CA LEU A 367 24.00 18.44 20.96
C LEU A 367 25.19 19.22 21.55
N GLU A 368 24.89 20.25 22.35
CA GLU A 368 25.99 21.06 22.90
C GLU A 368 26.85 20.25 23.86
N LYS A 369 26.23 19.41 24.69
CA LYS A 369 27.01 18.61 25.64
C LYS A 369 28.03 17.71 24.95
N LEU A 370 27.68 17.16 23.78
CA LEU A 370 28.59 16.25 23.09
C LEU A 370 29.44 16.95 22.04
N LYS A 371 29.50 18.28 22.09
CA LYS A 371 30.43 19.10 21.32
C LYS A 371 30.03 19.17 19.84
N PHE A 372 28.74 19.05 19.54
CA PHE A 372 28.26 19.42 18.22
C PHE A 372 28.38 20.93 18.06
N GLY A 373 28.72 21.39 16.85
CA GLY A 373 28.66 22.79 16.50
C GLY A 373 27.50 23.05 15.56
N ILE A 374 26.90 24.24 15.68
CA ILE A 374 25.70 24.51 14.89
C ILE A 374 26.08 24.71 13.43
N GLY A 375 25.22 24.21 12.53
CA GLY A 375 25.48 24.28 11.11
C GLY A 375 24.90 25.52 10.47
N ASP A 376 25.19 25.69 9.19
CA ASP A 376 24.68 26.83 8.45
C ASP A 376 23.42 26.50 7.66
N GLY A 377 22.96 25.26 7.67
CA GLY A 377 21.79 24.89 6.90
C GLY A 377 20.56 24.49 7.70
N ASN A 378 19.44 25.18 7.48
CA ASN A 378 18.17 24.73 8.02
C ASN A 378 17.59 23.62 7.15
N LEU A 379 16.84 22.73 7.78
CA LEU A 379 16.05 21.74 7.05
C LEU A 379 14.58 22.00 7.37
N GLN A 380 13.85 22.51 6.40
CA GLN A 380 12.42 22.76 6.55
C GLN A 380 11.64 21.50 6.22
N TYR A 381 10.62 21.20 7.03
CA TYR A 381 9.70 20.10 6.78
C TYR A 381 8.39 20.63 6.23
N TYR A 382 7.77 19.88 5.32
CA TYR A 382 6.56 20.32 4.65
C TYR A 382 5.56 19.19 4.52
N LEU A 383 4.27 19.56 4.50
CA LEU A 383 3.18 18.67 4.09
C LEU A 383 2.49 19.28 2.88
N TYR A 384 2.12 18.42 1.95
CA TYR A 384 1.38 18.81 0.75
C TYR A 384 -0.07 18.41 0.98
N ASN A 385 -0.98 19.36 0.76
CA ASN A 385 -2.43 19.13 0.90
C ASN A 385 -2.83 18.72 2.32
N TRP A 386 -2.15 19.28 3.31
CA TRP A 386 -2.52 19.04 4.71
C TRP A 386 -2.17 20.30 5.48
N LYS A 387 -3.19 21.04 5.87
CA LYS A 387 -3.05 22.31 6.56
C LYS A 387 -3.19 22.05 8.07
N CYS A 388 -2.14 22.35 8.83
CA CYS A 388 -2.14 22.10 10.27
C CYS A 388 -1.21 23.10 10.93
N PRO A 389 -1.31 23.29 12.25
CA PRO A 389 -0.38 24.22 12.92
C PRO A 389 1.07 23.79 12.71
N SER A 390 1.96 24.77 12.70
CA SER A 390 3.37 24.41 12.70
C SER A 390 3.77 23.95 14.10
N MET A 391 4.97 23.37 14.21
CA MET A 391 5.47 22.83 15.46
C MET A 391 6.94 23.17 15.59
N GLY A 392 7.42 23.20 16.83
CA GLY A 392 8.84 23.37 17.07
C GLY A 392 9.62 22.13 16.67
N ALA A 393 10.93 22.32 16.47
CA ALA A 393 11.78 21.23 16.01
C ALA A 393 11.67 20.01 16.91
N GLU A 394 11.54 20.22 18.22
CA GLU A 394 11.59 19.10 19.15
C GLU A 394 10.32 18.25 19.10
N LYS A 395 9.30 18.68 18.36
CA LYS A 395 8.12 17.86 18.12
C LYS A 395 8.17 17.16 16.76
N VAL A 396 9.11 17.51 15.90
CA VAL A 396 9.32 16.77 14.66
C VAL A 396 9.99 15.44 15.01
N GLY A 397 9.39 14.34 14.58
CA GLY A 397 9.90 13.01 14.85
C GLY A 397 10.03 12.18 13.58
N LEU A 398 10.49 12.80 12.51
CA LEU A 398 10.61 12.18 11.19
C LEU A 398 11.96 12.54 10.60
N VAL A 399 12.71 11.54 10.15
CA VAL A 399 14.02 11.75 9.54
C VAL A 399 14.00 11.11 8.15
N LEU A 400 14.27 11.91 7.12
CA LEU A 400 14.36 11.40 5.76
C LEU A 400 15.83 11.31 5.34
N GLN A 401 16.05 10.70 4.18
CA GLN A 401 17.41 10.46 3.66
C GLN A 401 17.86 11.59 2.74
N GLY B 9 -17.64 -30.00 11.40
CA GLY B 9 -18.92 -29.88 10.72
C GLY B 9 -19.37 -28.45 10.50
N PRO B 10 -19.22 -27.96 9.27
CA PRO B 10 -19.59 -26.57 9.00
C PRO B 10 -21.10 -26.37 9.10
N ALA B 11 -21.48 -25.11 9.31
CA ALA B 11 -22.89 -24.73 9.50
C ALA B 11 -23.31 -23.80 8.37
N LYS B 12 -24.30 -24.23 7.59
CA LYS B 12 -24.79 -23.40 6.49
C LYS B 12 -25.84 -22.39 6.94
N THR B 13 -26.59 -22.70 7.98
CA THR B 13 -27.64 -21.82 8.48
C THR B 13 -27.30 -21.34 9.87
N MET B 14 -27.99 -20.27 10.29
CA MET B 14 -27.85 -19.79 11.66
C MET B 14 -28.39 -20.82 12.66
N GLU B 15 -29.33 -21.67 12.24
CA GLU B 15 -29.77 -22.77 13.10
C GLU B 15 -28.60 -23.68 13.46
N GLU B 16 -28.00 -24.31 12.44
CA GLU B 16 -26.83 -25.16 12.67
C GLU B 16 -25.73 -24.41 13.42
N ALA B 17 -25.53 -23.13 13.09
CA ALA B 17 -24.45 -22.36 13.68
C ALA B 17 -24.66 -22.11 15.18
N SER B 18 -25.91 -21.98 15.61
CA SER B 18 -26.18 -21.74 17.03
C SER B 18 -25.76 -22.90 17.90
N LYS B 19 -25.83 -24.12 17.37
CA LYS B 19 -25.56 -25.34 18.12
C LYS B 19 -24.10 -25.76 18.05
N ARG B 20 -23.22 -24.92 17.51
CA ARG B 20 -21.84 -25.30 17.27
C ARG B 20 -20.90 -24.51 18.16
N SER B 21 -19.82 -25.16 18.55
CA SER B 21 -18.69 -24.52 19.21
C SER B 21 -17.60 -24.28 18.19
N TYR B 22 -16.97 -23.12 18.27
CA TYR B 22 -15.97 -22.71 17.27
C TYR B 22 -14.62 -22.72 17.96
N GLN B 23 -14.01 -23.91 18.01
CA GLN B 23 -12.72 -24.09 18.67
C GLN B 23 -11.68 -23.13 18.13
N PHE B 24 -11.62 -22.94 16.81
CA PHE B 24 -10.67 -21.99 16.26
C PHE B 24 -11.19 -20.55 16.37
N TRP B 25 -12.41 -20.30 15.88
CA TRP B 25 -12.84 -18.91 15.78
C TRP B 25 -13.04 -18.26 17.14
N ASP B 26 -13.29 -19.05 18.19
CA ASP B 26 -13.34 -18.49 19.53
C ASP B 26 -12.01 -17.87 19.96
N THR B 27 -10.88 -18.30 19.36
CA THR B 27 -9.59 -17.74 19.73
C THR B 27 -9.26 -16.47 18.97
N GLN B 28 -10.09 -16.07 18.00
CA GLN B 28 -9.79 -14.99 17.05
C GLN B 28 -10.46 -13.70 17.46
N PRO B 29 -9.93 -12.55 17.02
CA PRO B 29 -10.55 -11.26 17.38
C PRO B 29 -11.73 -10.93 16.47
N VAL B 30 -12.80 -11.68 16.65
CA VAL B 30 -14.09 -11.44 15.99
C VAL B 30 -15.18 -11.52 17.04
N PRO B 31 -16.32 -10.85 16.86
CA PRO B 31 -17.39 -10.97 17.85
C PRO B 31 -17.97 -12.37 17.87
N LYS B 32 -18.57 -12.72 19.00
CA LYS B 32 -19.24 -14.02 19.14
C LYS B 32 -20.57 -14.01 18.41
N LEU B 33 -20.96 -15.19 17.91
CA LEU B 33 -22.20 -15.32 17.15
C LEU B 33 -23.41 -14.83 17.95
N GLY B 34 -23.51 -15.18 19.23
CA GLY B 34 -24.65 -14.72 20.02
C GLY B 34 -24.62 -13.23 20.28
N GLU B 35 -23.43 -12.65 20.36
CA GLU B 35 -23.24 -11.25 20.70
C GLU B 35 -23.94 -10.32 19.71
N VAL B 36 -24.60 -9.29 20.23
CA VAL B 36 -25.07 -8.16 19.43
C VAL B 36 -24.06 -7.04 19.57
N VAL B 37 -23.63 -6.46 18.46
CA VAL B 37 -22.51 -5.53 18.45
C VAL B 37 -23.04 -4.11 18.57
N ASN B 38 -22.70 -3.45 19.68
CA ASN B 38 -23.14 -2.09 19.92
C ASN B 38 -22.13 -1.05 19.45
N THR B 39 -20.83 -1.36 19.49
CA THR B 39 -19.76 -0.40 19.30
C THR B 39 -19.23 -0.40 17.86
N HIS B 40 -18.30 0.51 17.59
CA HIS B 40 -17.58 0.61 16.32
C HIS B 40 -16.09 0.67 16.63
N GLY B 41 -15.33 -0.35 16.23
CA GLY B 41 -13.88 -0.25 16.30
C GLY B 41 -13.16 -1.58 16.38
N PRO B 42 -11.84 -1.54 16.54
CA PRO B 42 -11.05 -2.77 16.53
C PRO B 42 -11.42 -3.67 17.71
N VAL B 43 -11.43 -4.99 17.46
CA VAL B 43 -11.71 -5.93 18.53
C VAL B 43 -10.59 -5.93 19.55
N GLU B 44 -9.35 -5.80 19.10
CA GLU B 44 -8.17 -5.76 19.96
C GLU B 44 -7.22 -4.72 19.40
N PRO B 45 -6.31 -4.21 20.24
CA PRO B 45 -5.34 -3.21 19.75
C PRO B 45 -4.35 -3.82 18.78
N ASP B 46 -3.82 -2.96 17.91
CA ASP B 46 -2.78 -3.37 16.99
C ASP B 46 -1.57 -3.91 17.75
N LYS B 47 -1.02 -5.01 17.24
CA LYS B 47 0.19 -5.59 17.80
C LYS B 47 1.40 -4.79 17.34
N ASP B 48 2.31 -4.47 18.27
CA ASP B 48 3.55 -3.81 17.85
C ASP B 48 4.76 -4.74 17.85
N ASN B 49 4.58 -6.04 18.09
CA ASN B 49 5.57 -7.02 17.68
C ASN B 49 4.86 -8.22 17.09
N ILE B 50 5.38 -8.71 15.98
CA ILE B 50 4.73 -9.77 15.20
C ILE B 50 5.65 -10.98 15.16
N ARG B 51 5.05 -12.16 15.36
CA ARG B 51 5.75 -13.43 15.23
C ARG B 51 6.52 -13.51 13.92
N GLN B 52 7.83 -13.72 14.01
CA GLN B 52 8.69 -13.74 12.83
C GLN B 52 8.73 -15.09 12.14
N GLU B 53 8.33 -16.15 12.81
CA GLU B 53 8.44 -17.48 12.24
C GLU B 53 7.11 -17.94 11.69
N PRO B 54 7.12 -18.59 10.53
CA PRO B 54 5.89 -19.17 10.01
C PRO B 54 5.33 -20.20 10.98
N TYR B 55 4.00 -20.27 11.06
CA TYR B 55 3.37 -21.29 11.88
C TYR B 55 3.77 -22.67 11.38
N THR B 56 3.82 -23.63 12.30
N THR B 56 3.84 -23.62 12.31
CA THR B 56 4.23 -25.00 12.01
CA THR B 56 4.26 -24.99 11.97
C THR B 56 3.11 -25.76 11.31
C THR B 56 3.12 -25.74 11.29
N LEU B 57 3.45 -26.45 10.22
CA LEU B 57 2.54 -27.32 9.50
C LEU B 57 2.72 -28.76 9.93
N PRO B 58 1.75 -29.64 9.68
CA PRO B 58 1.97 -31.07 9.94
C PRO B 58 3.23 -31.56 9.23
N GLN B 59 3.85 -32.58 9.82
CA GLN B 59 5.07 -33.14 9.27
C GLN B 59 4.84 -33.55 7.81
N GLY B 60 5.79 -33.21 6.96
CA GLY B 60 5.74 -33.57 5.56
C GLY B 60 5.21 -32.48 4.63
N PHE B 61 4.89 -31.31 5.16
CA PHE B 61 4.31 -30.22 4.39
C PHE B 61 5.10 -28.95 4.67
N THR B 62 5.14 -28.06 3.69
CA THR B 62 5.96 -26.86 3.80
C THR B 62 5.24 -25.69 3.15
N TRP B 63 5.52 -24.49 3.67
CA TRP B 63 5.04 -23.27 3.05
C TRP B 63 5.75 -23.01 1.73
N ASP B 64 5.04 -22.40 0.78
CA ASP B 64 5.67 -21.93 -0.46
C ASP B 64 4.85 -20.79 -1.02
N ALA B 65 5.41 -19.59 -1.07
CA ALA B 65 4.75 -18.47 -1.73
C ALA B 65 4.72 -18.72 -3.23
N LEU B 66 3.56 -18.51 -3.86
CA LEU B 66 3.36 -18.86 -5.26
C LEU B 66 3.58 -17.63 -6.13
N ASP B 67 4.59 -17.71 -7.00
CA ASP B 67 4.83 -16.68 -8.02
C ASP B 67 3.89 -16.96 -9.18
N LEU B 68 2.75 -16.26 -9.20
CA LEU B 68 1.75 -16.49 -10.22
C LEU B 68 2.17 -15.92 -11.57
N GLY B 69 3.28 -15.17 -11.62
CA GLY B 69 3.88 -14.81 -12.89
C GLY B 69 4.60 -15.97 -13.56
N ASP B 70 4.84 -17.06 -12.84
CA ASP B 70 5.36 -18.29 -13.44
C ASP B 70 4.18 -19.12 -13.92
N ARG B 71 4.11 -19.36 -15.24
CA ARG B 71 2.91 -19.94 -15.81
C ARG B 71 2.63 -21.34 -15.27
N GLY B 72 3.68 -22.11 -15.00
CA GLY B 72 3.47 -23.45 -14.45
C GLY B 72 2.97 -23.42 -13.02
N VAL B 73 3.47 -22.48 -12.22
CA VAL B 73 2.96 -22.34 -10.85
C VAL B 73 1.50 -21.88 -10.86
N LEU B 74 1.17 -20.90 -11.69
CA LEU B 74 -0.21 -20.49 -11.83
C LEU B 74 -1.09 -21.67 -12.24
N LYS B 75 -0.60 -22.53 -13.14
CA LYS B 75 -1.36 -23.71 -13.54
C LYS B 75 -1.52 -24.70 -12.40
N GLU B 76 -0.49 -24.84 -11.54
CA GLU B 76 -0.65 -25.67 -10.35
C GLU B 76 -1.75 -25.15 -9.44
N LEU B 77 -1.80 -23.83 -9.25
CA LEU B 77 -2.89 -23.23 -8.48
C LEU B 77 -4.24 -23.45 -9.17
N TYR B 78 -4.30 -23.20 -10.48
CA TYR B 78 -5.51 -23.50 -11.23
C TYR B 78 -5.99 -24.92 -10.94
N THR B 79 -5.07 -25.87 -10.96
CA THR B 79 -5.46 -27.27 -10.78
C THR B 79 -5.91 -27.56 -9.36
N LEU B 80 -5.18 -27.04 -8.35
CA LEU B 80 -5.62 -27.22 -6.97
C LEU B 80 -7.06 -26.75 -6.78
N LEU B 81 -7.38 -25.55 -7.27
CA LEU B 81 -8.73 -25.03 -7.11
C LEU B 81 -9.73 -25.76 -7.98
N ASN B 82 -9.35 -26.08 -9.22
CA ASN B 82 -10.26 -26.79 -10.11
C ASN B 82 -10.69 -28.12 -9.52
N GLU B 83 -9.80 -28.79 -8.78
CA GLU B 83 -10.10 -30.10 -8.24
C GLU B 83 -10.61 -30.06 -6.80
N ASN B 84 -10.37 -28.98 -6.05
CA ASN B 84 -10.60 -29.02 -4.61
C ASN B 84 -11.32 -27.80 -4.02
N TYR B 85 -11.77 -26.84 -4.83
CA TYR B 85 -12.32 -25.61 -4.28
C TYR B 85 -13.83 -25.77 -4.08
N VAL B 86 -14.55 -24.65 -4.05
CA VAL B 86 -15.92 -24.64 -3.52
C VAL B 86 -16.83 -25.43 -4.45
N GLU B 87 -17.67 -26.26 -3.86
CA GLU B 87 -18.73 -26.97 -4.57
C GLU B 87 -20.09 -26.50 -4.06
N ASP B 88 -21.13 -26.84 -4.83
CA ASP B 88 -22.48 -26.59 -4.37
C ASP B 88 -22.84 -27.56 -3.23
N ASP B 89 -24.05 -27.38 -2.70
CA ASP B 89 -24.54 -28.21 -1.59
C ASP B 89 -24.53 -29.70 -1.92
N ASP B 90 -24.87 -30.07 -3.15
CA ASP B 90 -25.10 -31.45 -3.51
C ASP B 90 -23.92 -32.08 -4.23
N ASN B 91 -22.77 -31.40 -4.26
CA ASN B 91 -21.56 -31.91 -4.89
C ASN B 91 -21.79 -32.24 -6.35
N MET B 92 -22.51 -31.35 -7.04
CA MET B 92 -22.75 -31.48 -8.46
C MET B 92 -21.92 -30.53 -9.31
N PHE B 93 -21.50 -29.39 -8.74
CA PHE B 93 -20.80 -28.32 -9.44
C PHE B 93 -19.63 -27.85 -8.58
N ARG B 94 -18.54 -27.43 -9.23
CA ARG B 94 -17.38 -26.87 -8.54
C ARG B 94 -16.88 -25.67 -9.30
N PHE B 95 -16.51 -24.59 -8.60
CA PHE B 95 -15.96 -23.41 -9.27
C PHE B 95 -14.78 -23.81 -10.13
N ASP B 96 -14.64 -23.15 -11.28
CA ASP B 96 -13.55 -23.43 -12.22
C ASP B 96 -12.88 -22.10 -12.65
N TYR B 97 -12.34 -21.39 -11.67
CA TYR B 97 -11.63 -20.14 -11.95
C TYR B 97 -10.50 -20.36 -12.97
N SER B 98 -10.50 -19.56 -14.02
CA SER B 98 -9.48 -19.72 -15.04
C SER B 98 -8.14 -19.19 -14.55
N PRO B 99 -7.03 -19.64 -15.15
CA PRO B 99 -5.73 -19.07 -14.76
C PRO B 99 -5.67 -17.57 -14.93
N GLU B 100 -6.18 -17.04 -16.04
CA GLU B 100 -6.12 -15.60 -16.29
C GLU B 100 -7.03 -14.83 -15.33
N PHE B 101 -8.15 -15.43 -14.94
CA PHE B 101 -8.99 -14.84 -13.89
C PHE B 101 -8.25 -14.77 -12.57
N LEU B 102 -7.57 -15.86 -12.19
CA LEU B 102 -6.81 -15.85 -10.95
C LEU B 102 -5.76 -14.74 -10.95
N LEU B 103 -5.11 -14.51 -12.10
CA LEU B 103 -4.18 -13.40 -12.20
C LEU B 103 -4.88 -12.07 -11.95
N TRP B 104 -6.08 -11.90 -12.49
CA TRP B 104 -6.85 -10.69 -12.29
C TRP B 104 -7.18 -10.49 -10.81
N ALA B 105 -7.67 -11.56 -10.16
CA ALA B 105 -8.11 -11.46 -8.78
C ALA B 105 -6.95 -11.35 -7.79
N LEU B 106 -5.78 -11.88 -8.14
CA LEU B 106 -4.69 -12.01 -7.17
C LEU B 106 -3.55 -11.04 -7.41
N ARG B 107 -3.50 -10.37 -8.55
CA ARG B 107 -2.49 -9.34 -8.76
C ARG B 107 -3.11 -7.99 -9.05
N PRO B 108 -4.00 -7.47 -8.19
CA PRO B 108 -4.43 -6.09 -8.31
C PRO B 108 -3.32 -5.17 -7.83
N PRO B 109 -3.45 -3.85 -8.01
CA PRO B 109 -2.44 -2.93 -7.50
C PRO B 109 -2.14 -3.17 -6.02
N GLY B 110 -0.86 -3.22 -5.68
CA GLY B 110 -0.44 -3.45 -4.31
C GLY B 110 -0.32 -4.90 -3.90
N TRP B 111 -0.53 -5.83 -4.81
CA TRP B 111 -0.43 -7.25 -4.46
C TRP B 111 0.99 -7.57 -4.00
N LEU B 112 1.10 -8.54 -3.11
CA LEU B 112 2.38 -8.94 -2.55
C LEU B 112 2.59 -10.44 -2.76
N PRO B 113 3.81 -10.84 -3.13
CA PRO B 113 4.06 -12.28 -3.35
C PRO B 113 3.87 -13.13 -2.10
N GLN B 114 4.26 -12.63 -0.92
CA GLN B 114 4.09 -13.42 0.30
C GLN B 114 2.64 -13.63 0.68
N TRP B 115 1.72 -12.87 0.10
CA TRP B 115 0.29 -13.03 0.35
C TRP B 115 -0.37 -14.03 -0.59
N HIS B 116 0.39 -14.69 -1.46
CA HIS B 116 -0.11 -15.84 -2.24
C HIS B 116 0.48 -17.07 -1.57
N CYS B 117 -0.21 -17.52 -0.51
CA CYS B 117 0.35 -18.40 0.50
C CYS B 117 -0.02 -19.85 0.19
N GLY B 118 0.93 -20.60 -0.38
CA GLY B 118 0.72 -21.99 -0.71
C GLY B 118 1.32 -22.97 0.31
N VAL B 119 0.78 -24.19 0.28
CA VAL B 119 1.28 -25.34 1.04
C VAL B 119 1.61 -26.46 0.07
N ARG B 120 2.80 -27.04 0.18
CA ARG B 120 3.20 -28.12 -0.69
C ARG B 120 3.61 -29.34 0.14
N VAL B 121 3.45 -30.51 -0.46
CA VAL B 121 4.03 -31.73 0.10
C VAL B 121 5.54 -31.65 -0.08
N VAL B 122 6.29 -31.91 1.00
CA VAL B 122 7.75 -31.71 0.95
C VAL B 122 8.37 -32.59 -0.13
N SER B 123 7.97 -33.87 -0.16
CA SER B 123 8.64 -34.84 -1.02
C SER B 123 8.27 -34.65 -2.49
N SER B 124 6.98 -34.57 -2.79
CA SER B 124 6.52 -34.51 -4.17
C SER B 124 6.36 -33.10 -4.72
N ARG B 125 6.37 -32.08 -3.86
CA ARG B 125 6.12 -30.68 -4.22
C ARG B 125 4.68 -30.43 -4.66
N LYS B 126 3.79 -31.41 -4.52
CA LYS B 126 2.40 -31.21 -4.91
C LYS B 126 1.77 -30.08 -4.09
N LEU B 127 1.05 -29.20 -4.77
CA LEU B 127 0.36 -28.11 -4.10
C LEU B 127 -0.94 -28.64 -3.49
N VAL B 128 -1.06 -28.54 -2.17
CA VAL B 128 -2.22 -29.10 -1.47
C VAL B 128 -2.96 -28.08 -0.61
N GLY B 129 -2.53 -26.82 -0.57
CA GLY B 129 -3.25 -25.83 0.22
C GLY B 129 -2.97 -24.44 -0.30
N PHE B 130 -3.90 -23.52 -0.02
CA PHE B 130 -3.72 -22.14 -0.47
C PHE B 130 -4.63 -21.21 0.31
N ILE B 131 -4.16 -19.97 0.48
CA ILE B 131 -4.99 -18.85 0.92
C ILE B 131 -4.30 -17.61 0.38
N SER B 132 -5.08 -16.55 0.15
CA SER B 132 -4.51 -15.34 -0.43
C SER B 132 -5.03 -14.11 0.30
N ALA B 133 -4.22 -13.05 0.27
CA ALA B 133 -4.63 -11.71 0.67
C ALA B 133 -4.30 -10.74 -0.45
N ILE B 134 -5.19 -9.77 -0.67
CA ILE B 134 -4.86 -8.63 -1.53
C ILE B 134 -5.21 -7.38 -0.74
N PRO B 135 -4.52 -6.27 -0.92
CA PRO B 135 -4.85 -5.07 -0.15
C PRO B 135 -6.09 -4.39 -0.71
N ALA B 136 -6.84 -3.76 0.18
CA ALA B 136 -7.98 -2.97 -0.26
C ALA B 136 -8.28 -1.93 0.80
N ASN B 137 -8.61 -0.72 0.36
CA ASN B 137 -9.12 0.29 1.28
C ASN B 137 -10.62 0.08 1.41
N ILE B 138 -11.10 -0.04 2.65
CA ILE B 138 -12.47 -0.43 2.91
C ILE B 138 -13.15 0.67 3.72
N HIS B 139 -14.34 1.08 3.27
CA HIS B 139 -15.16 2.03 4.00
C HIS B 139 -16.24 1.25 4.74
N ILE B 140 -16.26 1.36 6.06
CA ILE B 140 -17.21 0.64 6.88
C ILE B 140 -17.87 1.65 7.81
N TYR B 141 -19.17 1.93 7.58
CA TYR B 141 -19.87 3.02 8.23
C TYR B 141 -19.05 4.30 8.11
N ASP B 142 -18.59 4.88 9.22
CA ASP B 142 -17.91 6.17 9.15
C ASP B 142 -16.40 6.04 9.17
N THR B 143 -15.86 4.86 8.89
CA THR B 143 -14.42 4.63 8.95
C THR B 143 -13.92 4.15 7.59
N GLU B 144 -12.77 4.70 7.18
CA GLU B 144 -12.03 4.23 6.03
C GLU B 144 -10.73 3.64 6.54
N LYS B 145 -10.48 2.37 6.22
CA LYS B 145 -9.33 1.63 6.72
C LYS B 145 -8.67 0.85 5.59
N LYS B 146 -7.34 0.87 5.57
CA LYS B 146 -6.59 -0.09 4.78
C LYS B 146 -6.76 -1.47 5.38
N MET B 147 -7.26 -2.41 4.59
CA MET B 147 -7.49 -3.78 5.03
C MET B 147 -6.87 -4.72 4.01
N VAL B 148 -7.08 -6.03 4.19
CA VAL B 148 -6.89 -6.97 3.10
C VAL B 148 -8.21 -7.67 2.84
N GLU B 149 -8.34 -8.20 1.63
CA GLU B 149 -9.41 -9.12 1.28
C GLU B 149 -8.84 -10.52 1.23
N ILE B 150 -9.47 -11.45 1.95
CA ILE B 150 -9.03 -12.84 1.96
C ILE B 150 -9.88 -13.62 0.98
N ASN B 151 -9.24 -14.48 0.20
CA ASN B 151 -9.93 -15.23 -0.83
C ASN B 151 -9.19 -16.54 -1.08
N PHE B 152 -9.89 -17.47 -1.71
CA PHE B 152 -9.31 -18.71 -2.24
C PHE B 152 -8.73 -19.60 -1.16
N LEU B 153 -9.33 -19.63 0.02
CA LEU B 153 -8.92 -20.60 1.02
C LEU B 153 -9.29 -22.01 0.54
N CYS B 154 -8.28 -22.86 0.42
CA CYS B 154 -8.48 -24.19 -0.15
C CYS B 154 -7.52 -25.19 0.48
N VAL B 155 -8.07 -26.32 0.90
CA VAL B 155 -7.31 -27.46 1.39
C VAL B 155 -7.63 -28.65 0.50
N HIS B 156 -6.59 -29.36 0.03
CA HIS B 156 -6.80 -30.53 -0.82
C HIS B 156 -7.75 -31.51 -0.14
N LYS B 157 -8.59 -32.16 -0.94
CA LYS B 157 -9.58 -33.08 -0.38
C LYS B 157 -8.95 -34.15 0.50
N LYS B 158 -7.74 -34.61 0.15
CA LYS B 158 -7.05 -35.61 0.95
C LYS B 158 -6.50 -35.06 2.27
N LEU B 159 -6.46 -33.73 2.43
CA LEU B 159 -5.91 -33.12 3.63
C LEU B 159 -6.98 -32.57 4.56
N ARG B 160 -8.26 -32.77 4.24
CA ARG B 160 -9.33 -32.15 4.99
C ARG B 160 -9.46 -32.72 6.39
N SER B 161 -10.07 -31.93 7.26
CA SER B 161 -10.42 -32.34 8.63
C SER B 161 -9.18 -32.63 9.48
N LYS B 162 -8.06 -31.98 9.14
CA LYS B 162 -6.81 -32.12 9.87
C LYS B 162 -6.34 -30.77 10.44
N ARG B 163 -7.25 -29.83 10.59
N ARG B 163 -7.26 -29.83 10.60
CA ARG B 163 -6.97 -28.51 11.15
CA ARG B 163 -6.98 -28.50 11.15
C ARG B 163 -5.90 -27.76 10.34
C ARG B 163 -5.91 -27.76 10.34
N VAL B 164 -5.86 -27.99 9.02
CA VAL B 164 -4.94 -27.25 8.17
C VAL B 164 -5.47 -25.85 7.89
N ALA B 165 -6.79 -25.69 7.74
CA ALA B 165 -7.33 -24.36 7.47
C ALA B 165 -7.02 -23.35 8.57
N PRO B 166 -7.12 -23.69 9.87
CA PRO B 166 -6.69 -22.73 10.90
C PRO B 166 -5.23 -22.32 10.75
N VAL B 167 -4.36 -23.24 10.36
CA VAL B 167 -2.96 -22.89 10.16
C VAL B 167 -2.84 -21.89 9.01
N LEU B 168 -3.54 -22.17 7.90
CA LEU B 168 -3.51 -21.25 6.76
C LEU B 168 -4.00 -19.87 7.16
N ILE B 169 -5.07 -19.81 7.96
CA ILE B 169 -5.63 -18.52 8.38
C ILE B 169 -4.66 -17.78 9.30
N ARG B 170 -4.07 -18.51 10.27
CA ARG B 170 -3.10 -17.86 11.16
C ARG B 170 -1.89 -17.37 10.38
N GLU B 171 -1.41 -18.17 9.42
CA GLU B 171 -0.20 -17.80 8.70
C GLU B 171 -0.43 -16.58 7.79
N ILE B 172 -1.58 -16.50 7.11
CA ILE B 172 -1.81 -15.29 6.30
C ILE B 172 -2.05 -14.10 7.22
N THR B 173 -2.71 -14.31 8.36
CA THR B 173 -2.86 -13.24 9.35
C THR B 173 -1.50 -12.71 9.77
N ARG B 174 -0.56 -13.62 10.04
CA ARG B 174 0.79 -13.22 10.43
C ARG B 174 1.45 -12.39 9.33
N ARG B 175 1.39 -12.86 8.09
CA ARG B 175 2.03 -12.16 6.98
C ARG B 175 1.36 -10.82 6.70
N VAL B 176 0.07 -10.68 6.99
CA VAL B 176 -0.60 -9.39 6.84
C VAL B 176 -0.20 -8.45 7.97
N HIS B 177 -0.20 -8.95 9.21
CA HIS B 177 0.29 -8.16 10.34
C HIS B 177 1.69 -7.59 10.09
N LEU B 178 2.57 -8.39 9.47
CA LEU B 178 3.95 -7.93 9.24
C LEU B 178 3.97 -6.69 8.36
N GLU B 179 2.94 -6.49 7.53
CA GLU B 179 2.84 -5.31 6.68
C GLU B 179 2.07 -4.19 7.35
N GLY B 180 1.74 -4.33 8.63
CA GLY B 180 1.09 -3.27 9.37
C GLY B 180 -0.40 -3.16 9.21
N ILE B 181 -1.07 -4.20 8.72
CA ILE B 181 -2.51 -4.19 8.52
C ILE B 181 -3.14 -5.11 9.54
N PHE B 182 -4.24 -4.66 10.15
CA PHE B 182 -4.83 -5.41 11.26
C PHE B 182 -6.32 -5.71 11.07
N GLN B 183 -6.90 -5.38 9.93
CA GLN B 183 -8.28 -5.73 9.65
C GLN B 183 -8.34 -6.43 8.30
N ALA B 184 -9.38 -7.24 8.11
CA ALA B 184 -9.60 -7.92 6.85
C ALA B 184 -11.09 -8.02 6.60
N VAL B 185 -11.44 -8.17 5.33
CA VAL B 185 -12.81 -8.47 4.93
C VAL B 185 -12.79 -9.72 4.07
N TYR B 186 -13.86 -10.52 4.16
CA TYR B 186 -13.95 -11.77 3.43
C TYR B 186 -15.38 -12.23 3.48
N THR B 187 -15.72 -13.17 2.59
CA THR B 187 -17.03 -13.77 2.54
C THR B 187 -16.89 -15.27 2.74
N ALA B 188 -18.01 -15.92 3.04
CA ALA B 188 -18.06 -17.37 3.10
C ALA B 188 -19.49 -17.84 2.92
N GLY B 189 -19.64 -19.01 2.30
CA GLY B 189 -20.93 -19.67 2.25
C GLY B 189 -21.35 -20.30 3.56
N VAL B 190 -20.47 -20.39 4.54
CA VAL B 190 -20.81 -20.96 5.83
C VAL B 190 -20.98 -19.82 6.84
N VAL B 191 -21.66 -20.13 7.94
CA VAL B 191 -21.83 -19.18 9.03
C VAL B 191 -20.67 -19.32 9.99
N LEU B 192 -20.04 -18.21 10.32
CA LEU B 192 -18.93 -18.12 11.24
C LEU B 192 -19.18 -16.97 12.18
N PRO B 193 -18.48 -16.88 13.30
CA PRO B 193 -18.47 -15.63 14.05
C PRO B 193 -17.69 -14.58 13.27
N LYS B 194 -18.33 -13.48 12.90
CA LYS B 194 -19.77 -13.21 13.00
C LYS B 194 -20.14 -12.35 11.80
N PRO B 195 -21.20 -12.69 11.05
CA PRO B 195 -21.49 -11.95 9.82
C PRO B 195 -21.81 -10.49 10.10
N VAL B 196 -21.21 -9.61 9.30
CA VAL B 196 -21.64 -8.21 9.32
C VAL B 196 -22.83 -8.01 8.39
N GLY B 197 -23.07 -8.95 7.47
CA GLY B 197 -24.18 -8.90 6.55
C GLY B 197 -24.38 -10.24 5.90
N THR B 198 -25.62 -10.61 5.61
CA THR B 198 -25.93 -11.87 4.95
C THR B 198 -26.59 -11.57 3.62
N CYS B 199 -25.95 -11.99 2.54
CA CYS B 199 -26.48 -11.78 1.20
C CYS B 199 -26.94 -13.12 0.62
N ARG B 200 -27.82 -13.02 -0.36
CA ARG B 200 -28.43 -14.18 -1.00
C ARG B 200 -28.18 -14.11 -2.49
N TYR B 201 -27.71 -15.22 -3.06
CA TYR B 201 -27.56 -15.32 -4.50
C TYR B 201 -28.91 -15.57 -5.17
N TRP B 202 -29.15 -14.88 -6.28
CA TRP B 202 -30.24 -15.16 -7.21
C TRP B 202 -29.65 -15.48 -8.58
N HIS B 203 -30.45 -16.15 -9.40
CA HIS B 203 -29.99 -16.71 -10.68
C HIS B 203 -31.00 -16.39 -11.76
N ARG B 204 -30.52 -15.89 -12.90
CA ARG B 204 -31.35 -15.58 -14.04
C ARG B 204 -30.97 -16.54 -15.16
N SER B 205 -31.88 -17.46 -15.49
N SER B 205 -31.88 -17.46 -15.49
CA SER B 205 -31.61 -18.45 -16.52
CA SER B 205 -31.60 -18.45 -16.51
C SER B 205 -31.43 -17.78 -17.87
C SER B 205 -31.44 -17.79 -17.87
N LEU B 206 -30.37 -18.14 -18.57
CA LEU B 206 -30.14 -17.69 -19.94
C LEU B 206 -30.25 -18.81 -20.95
N ASN B 207 -29.79 -20.02 -20.61
N ASN B 207 -29.85 -20.03 -20.57
CA ASN B 207 -29.93 -21.20 -21.45
CA ASN B 207 -29.91 -21.21 -21.42
C ASN B 207 -30.68 -22.23 -20.61
C ASN B 207 -30.69 -22.26 -20.62
N PRO B 208 -32.01 -22.13 -20.53
CA PRO B 208 -32.77 -22.99 -19.61
C PRO B 208 -32.69 -24.46 -19.95
N ARG B 209 -32.59 -24.82 -21.23
CA ARG B 209 -32.50 -26.24 -21.59
C ARG B 209 -31.26 -26.86 -20.97
N LYS B 210 -30.11 -26.20 -21.11
CA LYS B 210 -28.88 -26.75 -20.53
C LYS B 210 -28.96 -26.78 -19.00
N LEU B 211 -29.49 -25.72 -18.39
CA LEU B 211 -29.54 -25.66 -16.93
C LEU B 211 -30.41 -26.78 -16.36
N ILE B 212 -31.50 -27.12 -17.05
CA ILE B 212 -32.39 -28.17 -16.56
C ILE B 212 -31.78 -29.54 -16.78
N GLU B 213 -31.13 -29.75 -17.93
CA GLU B 213 -30.50 -31.04 -18.21
C GLU B 213 -29.40 -31.37 -17.21
N VAL B 214 -28.64 -30.37 -16.76
CA VAL B 214 -27.59 -30.63 -15.80
C VAL B 214 -28.08 -30.53 -14.37
N LYS B 215 -29.37 -30.28 -14.17
CA LYS B 215 -29.97 -30.19 -12.84
C LYS B 215 -29.39 -29.03 -12.03
N PHE B 216 -28.93 -28.00 -12.73
CA PHE B 216 -28.69 -26.73 -12.05
C PHE B 216 -30.01 -26.09 -11.65
N SER B 217 -30.96 -26.08 -12.58
CA SER B 217 -32.33 -25.66 -12.30
C SER B 217 -33.26 -26.83 -12.57
N HIS B 218 -34.51 -26.68 -12.16
CA HIS B 218 -35.53 -27.71 -12.34
C HIS B 218 -36.73 -27.14 -13.07
N LEU B 219 -37.41 -28.00 -13.83
CA LEU B 219 -38.53 -27.62 -14.68
C LEU B 219 -39.79 -27.20 -13.90
N SER B 220 -39.68 -26.96 -12.60
CA SER B 220 -40.71 -26.28 -11.82
C SER B 220 -42.01 -27.08 -11.67
N ARG B 221 -43.08 -26.39 -11.28
CA ARG B 221 -44.37 -27.01 -11.00
C ARG B 221 -45.40 -26.45 -11.98
N ASN B 222 -45.99 -27.34 -12.78
CA ASN B 222 -46.96 -26.96 -13.80
C ASN B 222 -46.35 -25.99 -14.81
N MET B 223 -45.14 -26.32 -15.28
CA MET B 223 -44.49 -25.57 -16.35
C MET B 223 -43.84 -26.54 -17.32
N THR B 224 -44.07 -26.30 -18.61
CA THR B 224 -43.43 -27.08 -19.66
C THR B 224 -42.09 -26.48 -20.04
N MET B 225 -41.24 -27.32 -20.66
CA MET B 225 -39.99 -26.82 -21.22
C MET B 225 -40.25 -25.73 -22.24
N GLN B 226 -41.22 -25.94 -23.13
CA GLN B 226 -41.57 -24.93 -24.12
C GLN B 226 -41.92 -23.60 -23.46
N ARG B 227 -42.73 -23.64 -22.39
CA ARG B 227 -43.05 -22.41 -21.70
C ARG B 227 -41.84 -21.82 -20.98
N THR B 228 -40.95 -22.68 -20.49
CA THR B 228 -39.75 -22.17 -19.81
C THR B 228 -38.85 -21.43 -20.79
N MET B 229 -38.68 -21.97 -22.00
CA MET B 229 -37.94 -21.26 -23.03
C MET B 229 -38.55 -19.89 -23.32
N LYS B 230 -39.88 -19.82 -23.40
CA LYS B 230 -40.53 -18.56 -23.71
C LYS B 230 -40.38 -17.56 -22.58
N LEU B 231 -40.49 -18.04 -21.34
CA LEU B 231 -40.41 -17.16 -20.17
C LEU B 231 -39.08 -16.44 -20.12
N TYR B 232 -38.00 -17.12 -20.49
CA TYR B 232 -36.65 -16.58 -20.34
C TYR B 232 -36.07 -16.01 -21.61
N ARG B 233 -36.81 -15.99 -22.71
CA ARG B 233 -36.29 -15.44 -23.96
C ARG B 233 -35.93 -13.97 -23.80
N LEU B 234 -34.91 -13.54 -24.52
CA LEU B 234 -34.38 -12.20 -24.41
C LEU B 234 -34.25 -11.56 -25.78
N PRO B 235 -34.31 -10.21 -25.86
CA PRO B 235 -33.92 -9.54 -27.10
C PRO B 235 -32.54 -9.97 -27.58
N GLU B 236 -32.26 -9.84 -28.87
CA GLU B 236 -30.95 -10.22 -29.37
C GLU B 236 -29.93 -9.10 -29.26
N THR B 237 -30.37 -7.86 -29.04
CA THR B 237 -29.47 -6.73 -28.83
C THR B 237 -30.00 -5.86 -27.69
N PRO B 238 -29.11 -5.17 -26.96
CA PRO B 238 -29.56 -4.34 -25.85
C PRO B 238 -30.32 -3.12 -26.34
N LYS B 239 -31.03 -2.47 -25.42
CA LYS B 239 -31.89 -1.35 -25.76
C LYS B 239 -31.31 0.01 -25.42
N THR B 240 -30.41 0.12 -24.45
CA THR B 240 -29.99 1.42 -23.98
C THR B 240 -29.16 2.16 -25.02
N ALA B 241 -29.56 3.40 -25.31
CA ALA B 241 -28.85 4.24 -26.25
C ALA B 241 -27.43 4.47 -25.79
N GLY B 242 -26.48 4.28 -26.71
CA GLY B 242 -25.11 4.62 -26.43
C GLY B 242 -24.36 3.64 -25.56
N LEU B 243 -24.91 2.46 -25.31
CA LEU B 243 -24.18 1.42 -24.57
C LEU B 243 -23.03 0.90 -25.42
N ARG B 244 -21.83 0.80 -24.82
CA ARG B 244 -20.65 0.31 -25.53
C ARG B 244 -19.64 -0.18 -24.49
N PRO B 245 -18.68 -1.03 -24.90
CA PRO B 245 -17.66 -1.47 -23.93
C PRO B 245 -16.84 -0.30 -23.41
N MET B 246 -16.41 -0.44 -22.16
CA MET B 246 -15.51 0.53 -21.54
C MET B 246 -14.17 0.54 -22.26
N GLU B 247 -13.64 1.75 -22.46
CA GLU B 247 -12.34 1.99 -23.06
C GLU B 247 -11.45 2.71 -22.06
N THR B 248 -10.17 2.80 -22.40
CA THR B 248 -9.20 3.49 -21.54
C THR B 248 -9.64 4.91 -21.19
N LYS B 249 -10.19 5.64 -22.17
CA LYS B 249 -10.58 7.02 -21.92
C LYS B 249 -11.71 7.12 -20.89
N ASP B 250 -12.40 6.04 -20.58
CA ASP B 250 -13.48 6.05 -19.61
C ASP B 250 -13.02 5.82 -18.18
N ILE B 251 -11.76 5.48 -17.96
CA ILE B 251 -11.32 5.10 -16.60
C ILE B 251 -11.63 6.20 -15.59
N PRO B 252 -11.32 7.48 -15.84
CA PRO B 252 -11.66 8.50 -14.83
C PRO B 252 -13.15 8.64 -14.56
N VAL B 253 -13.99 8.67 -15.60
CA VAL B 253 -15.40 8.87 -15.32
C VAL B 253 -15.99 7.62 -14.65
N VAL B 254 -15.50 6.42 -14.98
CA VAL B 254 -15.98 5.23 -14.29
C VAL B 254 -15.58 5.29 -12.82
N HIS B 255 -14.35 5.71 -12.54
CA HIS B 255 -13.92 5.93 -11.17
C HIS B 255 -14.81 6.95 -10.46
N GLN B 256 -15.08 8.08 -11.12
CA GLN B 256 -15.94 9.11 -10.51
C GLN B 256 -17.34 8.58 -10.23
N LEU B 257 -17.97 7.96 -11.24
CA LEU B 257 -19.30 7.41 -11.06
C LEU B 257 -19.34 6.42 -9.91
N LEU B 258 -18.40 5.49 -9.89
CA LEU B 258 -18.41 4.47 -8.83
C LEU B 258 -18.25 5.09 -7.45
N THR B 259 -17.32 6.03 -7.31
CA THR B 259 -17.04 6.60 -5.99
C THR B 259 -18.29 7.27 -5.42
N ARG B 260 -18.97 8.08 -6.24
CA ARG B 260 -20.17 8.79 -5.77
C ARG B 260 -21.31 7.82 -5.50
N TYR B 261 -21.46 6.81 -6.35
CA TYR B 261 -22.54 5.85 -6.19
C TYR B 261 -22.40 5.04 -4.89
N LEU B 262 -21.17 4.63 -4.54
CA LEU B 262 -20.96 3.76 -3.39
C LEU B 262 -21.20 4.48 -2.05
N LYS B 263 -21.23 5.81 -2.04
CA LYS B 263 -21.38 6.52 -0.76
C LYS B 263 -22.66 6.15 -0.03
N GLN B 264 -23.68 5.67 -0.75
CA GLN B 264 -24.95 5.38 -0.09
C GLN B 264 -24.97 4.07 0.69
N PHE B 265 -23.96 3.21 0.53
CA PHE B 265 -23.92 1.93 1.23
C PHE B 265 -22.97 2.02 2.42
N HIS B 266 -22.99 0.98 3.27
CA HIS B 266 -22.27 1.01 4.54
C HIS B 266 -21.00 0.15 4.55
N LEU B 267 -20.81 -0.71 3.55
CA LEU B 267 -19.55 -1.47 3.42
C LEU B 267 -19.18 -1.47 1.95
N THR B 268 -18.12 -0.74 1.59
CA THR B 268 -17.75 -0.51 0.20
C THR B 268 -16.23 -0.52 0.07
N PRO B 269 -15.73 -0.78 -1.14
CA PRO B 269 -14.32 -0.50 -1.42
C PRO B 269 -14.14 0.98 -1.71
N VAL B 270 -12.91 1.46 -1.49
CA VAL B 270 -12.51 2.80 -1.92
C VAL B 270 -11.36 2.60 -2.90
N MET B 271 -11.65 2.75 -4.18
CA MET B 271 -10.68 2.43 -5.21
C MET B 271 -9.96 3.67 -5.72
N SER B 272 -8.66 3.54 -5.91
CA SER B 272 -7.91 4.51 -6.69
C SER B 272 -8.29 4.38 -8.17
N GLN B 273 -7.85 5.35 -8.97
CA GLN B 273 -8.11 5.25 -10.40
C GLN B 273 -7.39 4.06 -11.01
N GLU B 274 -6.19 3.72 -10.50
CA GLU B 274 -5.49 2.53 -10.98
C GLU B 274 -6.25 1.26 -10.62
N GLU B 275 -6.86 1.22 -9.43
CA GLU B 275 -7.66 0.06 -9.06
C GLU B 275 -8.91 -0.06 -9.93
N VAL B 276 -9.50 1.08 -10.33
CA VAL B 276 -10.67 1.05 -11.21
C VAL B 276 -10.28 0.50 -12.57
N GLU B 277 -9.15 0.95 -13.12
CA GLU B 277 -8.65 0.33 -14.34
C GLU B 277 -8.49 -1.17 -14.16
N HIS B 278 -7.88 -1.62 -13.05
CA HIS B 278 -7.68 -3.05 -12.87
C HIS B 278 -9.01 -3.80 -12.84
N TRP B 279 -9.94 -3.36 -12.00
CA TRP B 279 -11.12 -4.15 -11.75
C TRP B 279 -12.16 -4.03 -12.86
N PHE B 280 -12.12 -2.98 -13.70
CA PHE B 280 -13.19 -2.80 -14.68
C PHE B 280 -12.76 -2.84 -16.13
N TYR B 281 -11.51 -2.58 -16.45
CA TYR B 281 -11.11 -2.53 -17.86
C TYR B 281 -11.33 -3.91 -18.47
N PRO B 282 -12.09 -4.02 -19.56
CA PRO B 282 -12.54 -5.34 -20.01
C PRO B 282 -11.38 -6.25 -20.39
N GLN B 283 -11.51 -7.50 -19.96
CA GLN B 283 -10.63 -8.60 -20.34
C GLN B 283 -11.53 -9.76 -20.71
N GLU B 284 -11.40 -10.25 -21.94
CA GLU B 284 -12.33 -11.28 -22.42
C GLU B 284 -12.28 -12.52 -21.53
N ASN B 285 -13.45 -13.02 -21.17
CA ASN B 285 -13.64 -14.21 -20.35
C ASN B 285 -13.17 -14.00 -18.91
N ILE B 286 -13.08 -12.74 -18.48
CA ILE B 286 -12.74 -12.41 -17.11
C ILE B 286 -13.69 -11.35 -16.57
N ILE B 287 -13.66 -10.15 -17.17
CA ILE B 287 -14.43 -9.02 -16.67
C ILE B 287 -14.98 -8.25 -17.86
N ASP B 288 -16.28 -7.96 -17.83
CA ASP B 288 -16.93 -7.15 -18.85
C ASP B 288 -17.47 -5.91 -18.18
N THR B 289 -17.22 -4.75 -18.80
CA THR B 289 -17.77 -3.48 -18.35
C THR B 289 -18.29 -2.72 -19.57
N PHE B 290 -19.54 -2.31 -19.53
CA PHE B 290 -20.14 -1.51 -20.60
C PHE B 290 -20.57 -0.17 -20.02
N VAL B 291 -20.23 0.91 -20.72
CA VAL B 291 -20.63 2.25 -20.30
C VAL B 291 -21.74 2.75 -21.22
N VAL B 292 -22.53 3.69 -20.70
CA VAL B 292 -23.54 4.41 -21.48
C VAL B 292 -22.98 5.79 -21.80
N GLU B 293 -22.68 6.05 -23.07
CA GLU B 293 -22.24 7.36 -23.52
C GLU B 293 -23.42 8.06 -24.20
N ASN B 294 -23.91 9.15 -23.61
CA ASN B 294 -25.16 9.75 -24.08
C ASN B 294 -24.92 10.58 -25.34
N ALA B 295 -25.94 11.32 -25.76
CA ALA B 295 -25.89 12.13 -26.98
C ALA B 295 -24.98 13.33 -26.87
N ASN B 296 -24.55 13.71 -25.66
CA ASN B 296 -23.57 14.76 -25.47
C ASN B 296 -22.16 14.21 -25.35
N GLY B 297 -21.99 12.89 -25.44
CA GLY B 297 -20.67 12.31 -25.27
C GLY B 297 -20.28 12.05 -23.83
N GLU B 298 -21.20 12.21 -22.89
N GLU B 298 -21.20 12.19 -22.89
CA GLU B 298 -20.92 12.02 -21.48
CA GLU B 298 -20.88 12.02 -21.48
C GLU B 298 -21.28 10.59 -21.07
C GLU B 298 -21.29 10.63 -21.02
N VAL B 299 -20.41 9.99 -20.24
CA VAL B 299 -20.67 8.67 -19.69
C VAL B 299 -21.48 8.83 -18.40
N THR B 300 -22.67 8.25 -18.38
CA THR B 300 -23.60 8.47 -17.29
C THR B 300 -23.92 7.23 -16.47
N ASP B 301 -23.61 6.04 -16.98
CA ASP B 301 -23.93 4.80 -16.30
C ASP B 301 -22.90 3.76 -16.71
N PHE B 302 -22.81 2.69 -15.94
CA PHE B 302 -22.07 1.54 -16.43
C PHE B 302 -22.56 0.27 -15.73
N LEU B 303 -22.40 -0.85 -16.42
CA LEU B 303 -22.69 -2.17 -15.89
C LEU B 303 -21.43 -3.02 -16.02
N SER B 304 -21.27 -3.99 -15.12
CA SER B 304 -20.13 -4.90 -15.19
C SER B 304 -20.51 -6.25 -14.60
N PHE B 305 -19.87 -7.29 -15.11
CA PHE B 305 -20.06 -8.64 -14.61
C PHE B 305 -18.80 -9.44 -14.90
N TYR B 306 -18.43 -10.33 -13.98
CA TYR B 306 -17.25 -11.15 -14.22
C TYR B 306 -17.64 -12.58 -14.59
N THR B 307 -16.67 -13.27 -15.20
CA THR B 307 -16.85 -14.60 -15.77
C THR B 307 -16.31 -15.63 -14.79
N LEU B 308 -17.18 -16.53 -14.33
CA LEU B 308 -16.75 -17.59 -13.41
C LEU B 308 -17.47 -18.87 -13.79
N PRO B 309 -16.87 -19.71 -14.61
CA PRO B 309 -17.51 -20.97 -15.00
C PRO B 309 -17.36 -22.01 -13.89
N SER B 310 -18.07 -23.12 -14.05
CA SER B 310 -17.99 -24.20 -13.09
C SER B 310 -17.89 -25.53 -13.82
N THR B 311 -17.26 -26.48 -13.15
CA THR B 311 -17.22 -27.86 -13.59
C THR B 311 -18.53 -28.55 -13.21
N ILE B 312 -19.08 -29.34 -14.13
CA ILE B 312 -20.24 -30.18 -13.83
C ILE B 312 -19.70 -31.59 -13.58
N MET B 313 -19.74 -32.04 -12.32
CA MET B 313 -19.11 -33.30 -11.99
C MET B 313 -19.93 -34.49 -12.45
N ASN B 314 -19.21 -35.54 -12.84
CA ASN B 314 -19.83 -36.84 -13.11
C ASN B 314 -20.87 -36.77 -14.23
N HIS B 315 -20.71 -35.86 -15.18
CA HIS B 315 -21.73 -35.81 -16.22
C HIS B 315 -21.14 -36.21 -17.56
N PRO B 316 -21.76 -37.16 -18.25
CA PRO B 316 -21.16 -37.69 -19.49
C PRO B 316 -21.06 -36.69 -20.62
N THR B 317 -22.02 -35.79 -20.77
CA THR B 317 -22.07 -34.90 -21.93
C THR B 317 -21.70 -33.46 -21.61
N HIS B 318 -22.35 -32.84 -20.64
CA HIS B 318 -22.10 -31.44 -20.29
C HIS B 318 -21.04 -31.36 -19.21
N LYS B 319 -19.93 -30.71 -19.51
CA LYS B 319 -18.79 -30.69 -18.60
C LYS B 319 -18.65 -29.39 -17.82
N SER B 320 -19.29 -28.32 -18.28
CA SER B 320 -19.04 -27.01 -17.71
C SER B 320 -20.29 -26.15 -17.82
N LEU B 321 -20.43 -25.24 -16.85
CA LEU B 321 -21.51 -24.27 -16.80
C LEU B 321 -20.86 -22.88 -16.82
N LYS B 322 -21.22 -22.07 -17.82
CA LYS B 322 -20.67 -20.72 -17.92
C LYS B 322 -21.60 -19.75 -17.20
N ALA B 323 -21.09 -19.11 -16.14
CA ALA B 323 -21.88 -18.21 -15.32
C ALA B 323 -21.28 -16.82 -15.33
N ALA B 324 -22.14 -15.81 -15.46
CA ALA B 324 -21.76 -14.41 -15.28
C ALA B 324 -22.18 -13.97 -13.88
N TYR B 325 -21.34 -13.19 -13.22
CA TYR B 325 -21.61 -12.68 -11.88
C TYR B 325 -21.69 -11.16 -11.91
N SER B 326 -22.85 -10.63 -11.53
CA SER B 326 -23.02 -9.19 -11.39
C SER B 326 -21.91 -8.61 -10.50
N PHE B 327 -21.30 -7.51 -10.98
CA PHE B 327 -20.14 -6.95 -10.29
C PHE B 327 -20.58 -5.62 -9.72
N TYR B 328 -20.25 -4.49 -10.33
CA TYR B 328 -20.76 -3.19 -9.90
C TYR B 328 -21.55 -2.55 -11.03
N ASN B 329 -22.73 -2.05 -10.69
CA ASN B 329 -23.64 -1.44 -11.65
C ASN B 329 -24.02 -0.07 -11.13
N VAL B 330 -23.68 0.97 -11.89
CA VAL B 330 -23.87 2.34 -11.45
C VAL B 330 -24.81 3.02 -12.43
N HIS B 331 -25.90 3.58 -11.90
CA HIS B 331 -26.88 4.30 -12.71
C HIS B 331 -26.99 5.73 -12.20
N THR B 332 -26.96 6.70 -13.13
CA THR B 332 -27.33 8.07 -12.83
C THR B 332 -28.35 8.66 -13.81
N GLN B 333 -28.49 8.11 -15.02
CA GLN B 333 -29.46 8.63 -15.98
C GLN B 333 -30.29 7.50 -16.58
N THR B 334 -29.70 6.31 -16.66
CA THR B 334 -30.41 5.13 -17.15
C THR B 334 -31.01 4.37 -15.97
N PRO B 335 -32.26 3.93 -16.05
CA PRO B 335 -32.83 3.16 -14.93
C PRO B 335 -32.04 1.88 -14.73
N LEU B 336 -31.85 1.53 -13.46
CA LEU B 336 -31.12 0.31 -13.12
C LEU B 336 -31.77 -0.91 -13.77
N LEU B 337 -33.11 -0.92 -13.82
CA LEU B 337 -33.81 -2.02 -14.47
C LEU B 337 -33.37 -2.20 -15.92
N ASP B 338 -33.31 -1.09 -16.66
CA ASP B 338 -32.86 -1.14 -18.05
C ASP B 338 -31.41 -1.58 -18.16
N LEU B 339 -30.54 -1.05 -17.28
CA LEU B 339 -29.14 -1.46 -17.29
C LEU B 339 -29.02 -2.97 -17.13
N MET B 340 -29.71 -3.52 -16.13
CA MET B 340 -29.56 -4.93 -15.85
C MET B 340 -30.19 -5.78 -16.95
N SER B 341 -31.28 -5.30 -17.56
CA SER B 341 -31.84 -6.00 -18.71
C SER B 341 -30.82 -6.08 -19.85
N ASP B 342 -30.10 -4.98 -20.09
CA ASP B 342 -29.06 -5.03 -21.11
C ASP B 342 -27.90 -5.93 -20.71
N ALA B 343 -27.58 -5.99 -19.42
CA ALA B 343 -26.55 -6.93 -18.95
C ALA B 343 -26.94 -8.37 -19.26
N LEU B 344 -28.21 -8.73 -19.03
CA LEU B 344 -28.68 -10.08 -19.36
C LEU B 344 -28.53 -10.34 -20.85
N VAL B 345 -28.96 -9.38 -21.68
CA VAL B 345 -28.83 -9.54 -23.13
C VAL B 345 -27.38 -9.73 -23.52
N LEU B 346 -26.48 -8.93 -22.94
CA LEU B 346 -25.06 -9.05 -23.25
C LEU B 346 -24.49 -10.38 -22.81
N ALA B 347 -24.83 -10.83 -21.60
CA ALA B 347 -24.37 -12.14 -21.14
C ALA B 347 -24.87 -13.25 -22.06
N LYS B 348 -26.16 -13.20 -22.42
CA LYS B 348 -26.67 -14.18 -23.38
C LYS B 348 -25.87 -14.17 -24.67
N MET B 349 -25.58 -12.98 -25.20
CA MET B 349 -24.84 -12.87 -26.47
C MET B 349 -23.45 -13.48 -26.37
N LYS B 350 -22.82 -13.35 -25.20
CA LYS B 350 -21.47 -13.85 -24.98
C LYS B 350 -21.41 -15.33 -24.59
N GLY B 351 -22.53 -16.04 -24.63
CA GLY B 351 -22.52 -17.47 -24.41
C GLY B 351 -22.72 -17.94 -22.98
N PHE B 352 -23.15 -17.06 -22.07
CA PHE B 352 -23.34 -17.48 -20.69
C PHE B 352 -24.62 -18.30 -20.55
N ASP B 353 -24.58 -19.26 -19.63
CA ASP B 353 -25.74 -20.11 -19.36
C ASP B 353 -26.65 -19.53 -18.29
N VAL B 354 -26.09 -18.76 -17.36
CA VAL B 354 -26.83 -18.20 -16.24
C VAL B 354 -26.17 -16.88 -15.87
N PHE B 355 -26.97 -15.95 -15.33
CA PHE B 355 -26.51 -14.66 -14.82
C PHE B 355 -26.84 -14.63 -13.33
N ASN B 356 -25.81 -14.54 -12.50
CA ASN B 356 -25.97 -14.54 -11.06
C ASN B 356 -25.83 -13.13 -10.51
N ALA B 357 -26.59 -12.85 -9.45
CA ALA B 357 -26.49 -11.58 -8.76
C ALA B 357 -26.92 -11.79 -7.32
N LEU B 358 -26.28 -11.05 -6.41
CA LEU B 358 -26.63 -11.04 -5.01
C LEU B 358 -27.75 -10.03 -4.75
N ASP B 359 -28.35 -10.10 -3.56
CA ASP B 359 -29.40 -9.18 -3.18
C ASP B 359 -28.85 -7.94 -2.47
N LEU B 360 -27.58 -7.62 -2.66
CA LEU B 360 -26.98 -6.45 -2.04
C LEU B 360 -27.20 -5.21 -2.92
N MET B 361 -26.69 -4.08 -2.44
CA MET B 361 -26.91 -2.78 -3.04
C MET B 361 -28.39 -2.64 -3.38
N GLU B 362 -28.73 -2.13 -4.56
CA GLU B 362 -30.13 -1.96 -4.94
C GLU B 362 -30.66 -3.12 -5.76
N ASN B 363 -30.02 -4.29 -5.69
CA ASN B 363 -30.36 -5.35 -6.62
C ASN B 363 -31.76 -5.89 -6.38
N LYS B 364 -32.28 -5.82 -5.16
CA LYS B 364 -33.62 -6.32 -4.92
C LYS B 364 -34.68 -5.54 -5.72
N THR B 365 -34.37 -4.32 -6.17
CA THR B 365 -35.32 -3.59 -6.99
C THR B 365 -35.51 -4.21 -8.37
N PHE B 366 -34.58 -5.04 -8.85
CA PHE B 366 -34.76 -5.64 -10.18
C PHE B 366 -34.80 -7.16 -10.21
N LEU B 367 -34.45 -7.86 -9.12
CA LEU B 367 -34.30 -9.30 -9.23
C LEU B 367 -35.59 -9.97 -9.68
N GLU B 368 -36.70 -9.69 -8.99
CA GLU B 368 -37.96 -10.33 -9.34
C GLU B 368 -38.43 -9.91 -10.74
N LYS B 369 -38.38 -8.60 -11.02
CA LYS B 369 -38.90 -8.12 -12.31
C LYS B 369 -38.17 -8.75 -13.49
N LEU B 370 -36.86 -8.95 -13.37
CA LEU B 370 -36.08 -9.52 -14.47
C LEU B 370 -36.03 -11.04 -14.44
N LYS B 371 -36.86 -11.67 -13.60
CA LYS B 371 -37.07 -13.12 -13.63
C LYS B 371 -35.88 -13.89 -13.05
N PHE B 372 -35.17 -13.28 -12.10
CA PHE B 372 -34.23 -14.03 -11.28
C PHE B 372 -35.02 -14.93 -10.33
N GLY B 373 -34.48 -16.12 -10.06
CA GLY B 373 -35.02 -17.00 -9.02
C GLY B 373 -34.04 -17.07 -7.86
N ILE B 374 -34.58 -17.13 -6.64
CA ILE B 374 -33.72 -17.16 -5.46
C ILE B 374 -32.91 -18.45 -5.43
N GLY B 375 -31.65 -18.34 -4.98
CA GLY B 375 -30.78 -19.48 -4.89
C GLY B 375 -30.81 -20.14 -3.53
N ASP B 376 -30.10 -21.25 -3.43
CA ASP B 376 -30.00 -21.96 -2.16
C ASP B 376 -28.78 -21.53 -1.35
N GLY B 377 -28.01 -20.56 -1.83
CA GLY B 377 -26.77 -20.21 -1.16
C GLY B 377 -26.72 -18.81 -0.61
N ASN B 378 -26.54 -18.67 0.70
CA ASN B 378 -26.22 -17.39 1.29
C ASN B 378 -24.73 -17.11 1.17
N LEU B 379 -24.39 -15.85 0.96
CA LEU B 379 -23.02 -15.37 1.02
C LEU B 379 -22.93 -14.43 2.21
N GLN B 380 -22.29 -14.91 3.29
CA GLN B 380 -22.07 -14.08 4.46
C GLN B 380 -20.86 -13.18 4.25
N TYR B 381 -20.93 -11.96 4.77
CA TYR B 381 -19.81 -11.02 4.77
C TYR B 381 -19.29 -10.88 6.19
N TYR B 382 -17.96 -10.79 6.30
CA TYR B 382 -17.29 -10.77 7.59
C TYR B 382 -16.18 -9.73 7.59
N LEU B 383 -15.94 -9.17 8.77
CA LEU B 383 -14.75 -8.37 9.04
C LEU B 383 -13.95 -9.05 10.14
N TYR B 384 -12.64 -9.00 10.01
CA TYR B 384 -11.73 -9.52 11.02
C TYR B 384 -11.20 -8.36 11.84
N ASN B 385 -11.29 -8.49 13.16
CA ASN B 385 -10.80 -7.49 14.11
C ASN B 385 -11.47 -6.13 13.91
N TRP B 386 -12.78 -6.14 13.62
CA TRP B 386 -13.54 -4.89 13.57
C TRP B 386 -14.94 -5.13 14.12
N LYS B 387 -15.30 -4.39 15.16
CA LYS B 387 -16.65 -4.44 15.72
C LYS B 387 -17.49 -3.34 15.10
N CYS B 388 -18.66 -3.71 14.60
CA CYS B 388 -19.65 -2.75 14.13
C CYS B 388 -20.98 -3.45 14.05
N PRO B 389 -22.09 -2.71 14.03
CA PRO B 389 -23.40 -3.36 13.90
C PRO B 389 -23.55 -4.02 12.54
N SER B 390 -24.34 -5.08 12.50
CA SER B 390 -24.63 -5.71 11.23
C SER B 390 -25.53 -4.80 10.39
N MET B 391 -25.65 -5.13 9.11
CA MET B 391 -26.41 -4.32 8.17
C MET B 391 -27.22 -5.23 7.29
N GLY B 392 -28.30 -4.70 6.73
CA GLY B 392 -29.06 -5.46 5.77
C GLY B 392 -28.31 -5.58 4.47
N ALA B 393 -28.70 -6.57 3.68
CA ALA B 393 -28.04 -6.83 2.40
C ALA B 393 -27.99 -5.57 1.53
N GLU B 394 -29.05 -4.76 1.56
CA GLU B 394 -29.13 -3.60 0.68
C GLU B 394 -28.12 -2.50 1.04
N LYS B 395 -27.45 -2.58 2.19
CA LYS B 395 -26.39 -1.65 2.53
C LYS B 395 -25.00 -2.23 2.30
N VAL B 396 -24.91 -3.50 1.89
CA VAL B 396 -23.63 -4.07 1.49
C VAL B 396 -23.33 -3.61 0.07
N GLY B 397 -22.19 -2.95 -0.10
CA GLY B 397 -21.83 -2.39 -1.39
C GLY B 397 -20.45 -2.86 -1.80
N LEU B 398 -20.19 -4.15 -1.61
CA LEU B 398 -18.88 -4.72 -1.84
C LEU B 398 -19.06 -6.08 -2.50
N VAL B 399 -18.43 -6.29 -3.66
CA VAL B 399 -18.52 -7.55 -4.37
C VAL B 399 -17.11 -8.11 -4.55
N LEU B 400 -16.90 -9.35 -4.11
CA LEU B 400 -15.62 -10.04 -4.27
C LEU B 400 -15.73 -11.12 -5.36
N GLN B 401 -14.61 -11.75 -5.68
CA GLN B 401 -14.57 -12.75 -6.75
C GLN B 401 -14.68 -14.17 -6.19
N GLY C 1 14.14 17.26 -0.82
CA GLY C 1 15.27 16.39 -0.52
C GLY C 1 16.03 16.88 0.72
N ASN C 2 17.14 16.23 1.02
CA ASN C 2 17.97 16.60 2.17
C ASN C 2 18.72 17.88 1.86
N CYS C 3 19.36 18.47 2.87
CA CYS C 3 20.13 19.68 2.63
C CYS C 3 21.54 19.51 3.17
N PHE C 4 22.51 20.11 2.50
CA PHE C 4 23.90 20.01 2.91
C PHE C 4 24.24 21.18 3.83
N SER C 5 24.62 20.87 5.07
CA SER C 5 25.03 21.87 6.04
C SER C 5 26.49 21.64 6.43
N LYS C 6 27.13 22.71 6.88
CA LYS C 6 28.48 22.62 7.43
C LYS C 6 28.57 23.60 8.59
N PRO C 7 29.58 23.44 9.47
CA PRO C 7 29.61 24.27 10.68
C PRO C 7 29.56 25.75 10.33
N ARG C 8 28.69 26.46 11.05
CA ARG C 8 28.63 27.90 10.96
C ARG C 8 29.95 28.49 11.43
N VAL C 9 30.41 29.52 10.74
CA VAL C 9 31.65 30.22 11.08
C VAL C 9 31.27 31.49 11.85
N PRO C 10 31.88 31.77 13.01
CA PRO C 10 31.65 32.95 13.86
C PRO C 10 31.54 34.28 13.08
N GLY D 1 -13.95 -17.05 0.77
CA GLY D 1 -14.11 -17.29 -0.64
C GLY D 1 -15.56 -17.10 -1.07
N ASN D 2 -15.80 -17.25 -2.37
CA ASN D 2 -17.14 -17.13 -2.90
C ASN D 2 -17.93 -18.39 -2.51
N CYS D 3 -19.23 -18.41 -2.83
CA CYS D 3 -20.04 -19.58 -2.51
C CYS D 3 -20.86 -19.95 -3.73
N PHE D 4 -21.02 -21.26 -3.97
CA PHE D 4 -21.72 -21.71 -5.15
C PHE D 4 -23.19 -21.94 -4.83
N SER D 5 -24.05 -21.17 -5.47
CA SER D 5 -25.48 -21.25 -5.25
C SER D 5 -26.16 -21.78 -6.51
N LYS D 6 -27.36 -22.33 -6.33
CA LYS D 6 -28.18 -22.73 -7.46
C LYS D 6 -29.63 -22.50 -7.08
N PRO D 7 -30.53 -22.42 -8.07
CA PRO D 7 -31.93 -22.09 -7.75
C PRO D 7 -32.51 -22.97 -6.65
N ARG D 8 -33.10 -22.32 -5.66
CA ARG D 8 -33.83 -23.05 -4.62
C ARG D 8 -35.06 -23.68 -5.24
N VAL D 9 -35.28 -24.96 -4.97
CA VAL D 9 -36.52 -25.63 -5.32
C VAL D 9 -37.51 -25.35 -4.19
N PRO D 10 -38.59 -24.58 -4.43
CA PRO D 10 -39.55 -23.88 -3.58
C PRO D 10 -39.42 -24.11 -2.07
#